data_2GB7
#
_entry.id   2GB7
#
_cell.length_a   77.697
_cell.length_b   96.739
_cell.length_c   192.012
_cell.angle_alpha   90.00
_cell.angle_beta   90.00
_cell.angle_gamma   90.00
#
_symmetry.space_group_name_H-M   'P 21 21 21'
#
loop_
_entity.id
_entity.type
_entity.pdbx_description
1 polymer 'DNA STRAND 1'
2 polymer 'DNA STRAND 2'
3 polymer R.Ecl18kI
4 water water
#
loop_
_entity_poly.entity_id
_entity_poly.type
_entity_poly.pdbx_seq_one_letter_code
_entity_poly.pdbx_strand_id
1 'polydeoxyribonucleotide' (DC)(DG)(DC)(DC)(DA)(DG)(DG)(DG)(DC) E,G
2 'polydeoxyribonucleotide' (DG)(DC)(DC)(DC)(DT)(DG)(DG)(DC)(DG) F,H
3 'polypeptide(L)'
;MQRLSPGEFKTLISKERKSHFITPFALVYKTFCDLGYDQKNSDYFLNNPSEYIIAMRKNCWKEFEPFEKEFTTRMLSYLI
DEERIKDMSPYDAIRDFTMEYPTHIYDLALSNTQSRRSRAGKEFESILELLMMGAGIPVDVQGAIGKSFFQKNQIGKLVD
LVMPGVVQYTSNKRNTMLISAKTTLRERWQEVPEEVNRTGIREMYLATLDDSFSEETINILYEANVVVVTTVENKNFKYK
NNNRVLTFEDMLQSAMELSRKWNNVSYTDSEKEEIQQSILKQIEKYSDFPYVVNYYRNRLSALFD
;
A,B,C,D
#
# COMPACT_ATOMS: atom_id res chain seq x y z
N ARG E 3 -43.13 7.51 -37.59
CA ARG E 3 -42.33 6.49 -36.87
C ARG E 3 -41.28 7.16 -35.99
N LEU E 4 -40.30 6.37 -35.52
CA LEU E 4 -39.17 6.85 -34.71
C LEU E 4 -38.28 5.65 -34.40
N SER E 5 -37.09 5.63 -34.99
CA SER E 5 -36.12 4.56 -34.79
C SER E 5 -35.68 4.51 -33.31
N PRO E 6 -35.21 3.34 -32.82
CA PRO E 6 -34.72 3.27 -31.42
C PRO E 6 -33.66 4.32 -31.12
N GLY E 7 -32.75 4.54 -32.08
CA GLY E 7 -31.76 5.60 -31.98
C GLY E 7 -32.40 6.98 -31.88
N GLU E 8 -33.41 7.23 -32.70
CA GLU E 8 -34.10 8.51 -32.72
C GLU E 8 -34.93 8.71 -31.45
N PHE E 9 -35.42 7.61 -30.89
CA PHE E 9 -36.19 7.60 -29.67
C PHE E 9 -35.25 7.92 -28.49
N LYS E 10 -34.08 7.28 -28.49
CA LYS E 10 -33.05 7.52 -27.48
C LYS E 10 -32.62 9.00 -27.40
N THR E 11 -32.45 9.63 -28.56
CA THR E 11 -32.06 11.04 -28.64
C THR E 11 -33.17 11.95 -28.14
N LEU E 12 -34.41 11.54 -28.42
CA LEU E 12 -35.58 12.27 -27.97
C LEU E 12 -35.71 12.18 -26.46
N ILE E 13 -35.57 10.97 -25.92
CA ILE E 13 -35.67 10.72 -24.49
C ILE E 13 -34.84 11.75 -23.71
N SER E 14 -33.62 11.99 -24.19
CA SER E 14 -32.66 12.93 -23.60
C SER E 14 -33.13 14.38 -23.63
N LYS E 15 -33.63 14.83 -24.79
CA LYS E 15 -34.14 16.19 -24.92
C LYS E 15 -35.20 16.48 -23.87
N GLU E 16 -36.19 15.59 -23.78
CA GLU E 16 -37.32 15.79 -22.87
C GLU E 16 -36.92 15.75 -21.40
N ARG E 17 -36.02 14.83 -21.04
CA ARG E 17 -35.61 14.70 -19.64
C ARG E 17 -35.05 16.01 -19.12
N LYS E 18 -34.21 16.66 -19.93
CA LYS E 18 -33.60 17.94 -19.59
C LYS E 18 -34.63 19.03 -19.33
N SER E 19 -35.65 19.08 -20.19
CA SER E 19 -36.66 20.14 -20.17
C SER E 19 -37.72 19.92 -19.09
N HIS E 20 -37.79 18.68 -18.59
CA HIS E 20 -38.86 18.27 -17.69
C HIS E 20 -38.39 18.10 -16.24
N PHE E 21 -37.10 17.86 -16.05
CA PHE E 21 -36.58 17.62 -14.70
C PHE E 21 -35.58 18.68 -14.25
N ILE E 22 -35.81 19.22 -13.07
CA ILE E 22 -34.80 20.05 -12.40
C ILE E 22 -33.63 19.18 -11.94
N THR E 23 -32.44 19.78 -11.85
CA THR E 23 -31.22 19.04 -11.48
C THR E 23 -31.33 18.40 -10.09
N PRO E 24 -30.51 17.36 -9.85
CA PRO E 24 -30.52 16.75 -8.52
C PRO E 24 -30.29 17.77 -7.41
N PHE E 25 -29.26 18.62 -7.55
CA PHE E 25 -29.06 19.68 -6.55
C PHE E 25 -30.26 20.59 -6.41
N ALA E 26 -30.85 21.02 -7.53
CA ALA E 26 -32.06 21.86 -7.44
C ALA E 26 -33.18 21.17 -6.69
N LEU E 27 -33.36 19.86 -6.91
CA LEU E 27 -34.48 19.15 -6.27
C LEU E 27 -34.24 19.06 -4.77
N VAL E 28 -33.00 18.74 -4.43
CA VAL E 28 -32.61 18.65 -3.02
C VAL E 28 -32.80 19.97 -2.34
N TYR E 29 -32.30 21.06 -2.95
CA TYR E 29 -32.49 22.40 -2.41
C TYR E 29 -33.97 22.80 -2.23
N LYS E 30 -34.80 22.57 -3.26
CA LYS E 30 -36.24 22.77 -3.16
C LYS E 30 -36.82 22.02 -1.95
N THR E 31 -36.47 20.74 -1.82
CA THR E 31 -36.94 19.89 -0.73
C THR E 31 -36.42 20.36 0.63
N PHE E 32 -35.14 20.75 0.69
CA PHE E 32 -34.56 21.38 1.89
C PHE E 32 -35.47 22.54 2.38
N CYS E 33 -35.80 23.43 1.46
CA CYS E 33 -36.55 24.65 1.79
C CYS E 33 -38.04 24.36 2.07
N ASP E 34 -38.60 23.41 1.32
CA ASP E 34 -40.01 23.02 1.49
C ASP E 34 -40.22 22.38 2.87
N LEU E 35 -39.27 21.54 3.29
CA LEU E 35 -39.33 20.89 4.61
C LEU E 35 -38.96 21.88 5.76
N GLY E 36 -38.56 23.09 5.35
CA GLY E 36 -38.26 24.17 6.27
C GLY E 36 -36.95 23.94 6.98
N TYR E 37 -36.02 23.25 6.31
CA TYR E 37 -34.69 23.10 6.91
C TYR E 37 -33.85 24.37 6.88
N ASP E 38 -34.19 25.28 5.96
CA ASP E 38 -33.54 26.56 5.88
C ASP E 38 -33.82 27.44 7.12
N GLN E 39 -34.74 26.97 7.97
CA GLN E 39 -35.11 27.69 9.20
C GLN E 39 -34.54 27.11 10.50
N LYS E 40 -33.89 25.94 10.41
CA LYS E 40 -33.33 25.31 11.61
C LYS E 40 -31.93 25.83 11.92
N ASN E 41 -31.60 25.92 13.21
CA ASN E 41 -30.26 26.36 13.60
C ASN E 41 -29.27 25.23 13.49
N SER E 42 -28.01 25.56 13.74
CA SER E 42 -26.92 24.63 13.50
C SER E 42 -26.98 23.39 14.39
N ASP E 43 -27.40 23.56 15.64
CA ASP E 43 -27.55 22.44 16.57
C ASP E 43 -28.57 21.39 16.11
N TYR E 44 -29.60 21.80 15.37
CA TYR E 44 -30.50 20.81 14.79
C TYR E 44 -29.71 19.81 13.90
N PHE E 45 -28.89 20.35 13.01
CA PHE E 45 -28.15 19.53 12.06
C PHE E 45 -27.09 18.70 12.76
N LEU E 46 -26.45 19.30 13.77
CA LEU E 46 -25.41 18.63 14.54
C LEU E 46 -25.96 17.40 15.25
N ASN E 47 -27.17 17.54 15.79
CA ASN E 47 -27.72 16.55 16.70
C ASN E 47 -28.65 15.56 16.05
N ASN E 48 -29.26 15.94 14.92
CA ASN E 48 -30.27 15.11 14.24
C ASN E 48 -29.97 14.80 12.76
N PRO E 49 -28.69 14.52 12.43
CA PRO E 49 -28.42 14.35 10.99
C PRO E 49 -29.12 13.13 10.37
N SER E 50 -29.25 12.04 11.12
CA SER E 50 -29.92 10.86 10.55
C SER E 50 -31.37 11.17 10.21
N GLU E 51 -32.09 11.78 11.15
CA GLU E 51 -33.49 12.17 10.95
C GLU E 51 -33.62 13.05 9.71
N TYR E 52 -32.67 13.97 9.56
CA TYR E 52 -32.70 14.92 8.46
C TYR E 52 -32.47 14.17 7.14
N ILE E 53 -31.49 13.28 7.15
CA ILE E 53 -31.16 12.53 5.93
C ILE E 53 -32.33 11.66 5.51
N ILE E 54 -32.92 10.93 6.46
CA ILE E 54 -34.07 10.06 6.16
C ILE E 54 -35.25 10.86 5.63
N ALA E 55 -35.55 12.01 6.24
CA ALA E 55 -36.65 12.85 5.77
C ALA E 55 -36.40 13.45 4.38
N MET E 56 -35.17 13.86 4.13
CA MET E 56 -34.77 14.39 2.81
C MET E 56 -34.96 13.34 1.73
N ARG E 57 -34.48 12.12 2.01
CA ARG E 57 -34.54 11.00 1.08
C ARG E 57 -35.99 10.68 0.72
N LYS E 58 -36.80 10.56 1.77
CA LYS E 58 -38.24 10.33 1.66
C LYS E 58 -38.92 11.33 0.74
N ASN E 59 -38.63 12.61 0.96
CA ASN E 59 -39.35 13.67 0.31
C ASN E 59 -38.86 14.01 -1.10
N CYS E 60 -37.56 13.90 -1.32
CA CYS E 60 -36.99 13.97 -2.67
C CYS E 60 -37.63 12.93 -3.58
N TRP E 61 -37.81 11.71 -3.05
CA TRP E 61 -38.38 10.62 -3.83
C TRP E 61 -39.83 10.88 -4.18
N LYS E 62 -40.60 11.33 -3.18
CA LYS E 62 -41.99 11.79 -3.34
C LYS E 62 -42.11 12.84 -4.44
N GLU E 63 -41.18 13.79 -4.45
CA GLU E 63 -41.21 14.92 -5.38
C GLU E 63 -40.59 14.56 -6.75
N PHE E 64 -40.08 13.33 -6.86
CA PHE E 64 -39.55 12.84 -8.12
C PHE E 64 -40.44 11.78 -8.77
N GLU E 65 -40.82 10.78 -7.98
CA GLU E 65 -41.54 9.59 -8.47
C GLU E 65 -42.79 9.88 -9.34
N PRO E 66 -43.72 10.77 -8.89
CA PRO E 66 -44.88 11.11 -9.71
C PRO E 66 -44.44 11.74 -11.03
N PHE E 67 -43.37 12.54 -11.02
CA PHE E 67 -42.89 13.14 -12.27
C PHE E 67 -42.19 12.16 -13.24
N GLU E 68 -41.45 11.20 -12.70
CA GLU E 68 -40.89 10.15 -13.54
C GLU E 68 -41.99 9.30 -14.19
N LYS E 69 -43.08 9.05 -13.44
CA LYS E 69 -44.19 8.26 -13.96
C LYS E 69 -44.86 8.94 -15.14
N GLU E 70 -45.05 10.25 -15.03
CA GLU E 70 -45.72 11.02 -16.09
C GLU E 70 -44.83 11.08 -17.33
N PHE E 71 -43.55 11.29 -17.08
CA PHE E 71 -42.53 11.42 -18.12
C PHE E 71 -42.47 10.19 -19.03
N THR E 72 -42.55 9.02 -18.38
CA THR E 72 -42.48 7.75 -19.07
C THR E 72 -43.68 7.62 -20.01
N THR E 73 -44.86 7.95 -19.50
CA THR E 73 -46.04 7.83 -20.30
C THR E 73 -45.96 8.77 -21.50
N ARG E 74 -45.44 9.98 -21.30
CA ARG E 74 -45.28 10.92 -22.43
C ARG E 74 -44.42 10.35 -23.55
N MET E 75 -43.26 9.82 -23.17
CA MET E 75 -42.26 9.26 -24.07
C MET E 75 -42.86 8.11 -24.88
N LEU E 76 -43.56 7.21 -24.17
CA LEU E 76 -44.23 6.08 -24.86
C LEU E 76 -45.28 6.54 -25.88
N SER E 77 -45.91 7.68 -25.63
CA SER E 77 -46.91 8.21 -26.55
C SER E 77 -46.33 8.50 -27.93
N TYR E 78 -45.03 8.75 -28.01
CA TYR E 78 -44.43 9.00 -29.31
C TYR E 78 -44.41 7.75 -30.19
N LEU E 79 -44.45 6.58 -29.56
CA LEU E 79 -44.51 5.29 -30.25
C LEU E 79 -45.87 4.92 -30.82
N ILE E 80 -46.95 5.44 -30.24
CA ILE E 80 -48.28 4.99 -30.67
C ILE E 80 -48.60 5.50 -32.08
N ASP E 81 -48.88 4.54 -32.97
CA ASP E 81 -49.03 4.78 -34.39
C ASP E 81 -50.49 4.58 -34.80
N GLU E 82 -51.20 5.71 -34.89
CA GLU E 82 -52.63 5.72 -35.14
C GLU E 82 -52.98 4.97 -36.41
N GLU E 83 -52.21 5.23 -37.48
CA GLU E 83 -52.51 4.65 -38.80
C GLU E 83 -52.27 3.13 -38.84
N ARG E 84 -51.25 2.67 -38.13
CA ARG E 84 -50.94 1.25 -38.05
C ARG E 84 -52.02 0.46 -37.30
N ILE E 85 -52.58 1.08 -36.27
CA ILE E 85 -53.46 0.37 -35.33
C ILE E 85 -54.94 0.59 -35.58
N LYS E 86 -55.26 1.52 -36.49
CA LYS E 86 -56.64 1.89 -36.79
C LYS E 86 -57.40 0.71 -37.38
N ASP E 87 -58.46 0.30 -36.70
CA ASP E 87 -59.25 -0.89 -37.09
C ASP E 87 -58.68 -2.20 -36.56
N MET E 88 -57.63 -2.13 -35.73
CA MET E 88 -57.24 -3.27 -34.92
C MET E 88 -58.21 -3.41 -33.75
N SER E 89 -58.36 -4.64 -33.26
CA SER E 89 -59.02 -4.88 -31.98
C SER E 89 -58.14 -4.26 -30.89
N PRO E 90 -58.75 -3.74 -29.80
CA PRO E 90 -57.97 -3.12 -28.72
C PRO E 90 -56.95 -4.07 -28.11
N TYR E 91 -57.32 -5.34 -27.97
CA TYR E 91 -56.39 -6.37 -27.49
C TYR E 91 -55.24 -6.58 -28.48
N ASP E 92 -55.58 -6.66 -29.77
CA ASP E 92 -54.56 -6.81 -30.81
C ASP E 92 -53.65 -5.59 -30.94
N ALA E 93 -54.23 -4.40 -30.75
CA ALA E 93 -53.43 -3.17 -30.64
C ALA E 93 -52.38 -3.20 -29.52
N ILE E 94 -52.75 -3.67 -28.32
CA ILE E 94 -51.76 -3.76 -27.24
C ILE E 94 -50.72 -4.84 -27.52
N ARG E 95 -51.18 -6.05 -27.86
CA ARG E 95 -50.29 -7.12 -28.30
C ARG E 95 -49.31 -6.63 -29.34
N ASP E 96 -49.80 -5.97 -30.41
CA ASP E 96 -48.92 -5.40 -31.43
C ASP E 96 -47.89 -4.48 -30.80
N PHE E 97 -48.36 -3.54 -29.98
CA PHE E 97 -47.46 -2.62 -29.27
C PHE E 97 -46.38 -3.33 -28.44
N THR E 98 -46.75 -4.41 -27.76
CA THR E 98 -45.78 -5.18 -26.96
C THR E 98 -44.84 -6.03 -27.82
N MET E 99 -45.20 -6.23 -29.10
CA MET E 99 -44.39 -7.00 -30.05
C MET E 99 -43.50 -6.09 -30.89
N GLU E 100 -44.05 -4.94 -31.28
CA GLU E 100 -43.38 -4.00 -32.18
C GLU E 100 -42.35 -3.14 -31.48
N TYR E 101 -42.55 -2.89 -30.19
CA TYR E 101 -41.75 -1.89 -29.51
C TYR E 101 -41.05 -2.33 -28.22
N PRO E 102 -40.87 -3.64 -27.96
CA PRO E 102 -40.33 -3.95 -26.64
C PRO E 102 -38.88 -3.44 -26.44
N THR E 103 -38.21 -3.08 -27.53
CA THR E 103 -36.87 -2.52 -27.43
C THR E 103 -36.89 -1.04 -27.03
N HIS E 104 -37.67 -0.25 -27.77
CA HIS E 104 -37.98 1.17 -27.45
C HIS E 104 -38.41 1.29 -25.99
N ILE E 105 -39.37 0.44 -25.61
CA ILE E 105 -39.84 0.36 -24.21
C ILE E 105 -38.72 0.03 -23.22
N TYR E 106 -38.00 -1.04 -23.48
CA TYR E 106 -36.80 -1.31 -22.70
C TYR E 106 -35.84 -0.10 -22.64
N ASP E 107 -35.63 0.56 -23.78
CA ASP E 107 -34.64 1.66 -23.83
C ASP E 107 -35.06 2.87 -22.99
N LEU E 108 -36.35 3.19 -23.03
CA LEU E 108 -36.93 4.22 -22.13
C LEU E 108 -36.67 3.86 -20.65
N ALA E 109 -37.08 2.65 -20.26
CA ALA E 109 -36.86 2.21 -18.86
C ALA E 109 -35.40 2.15 -18.45
N LEU E 110 -34.53 1.69 -19.37
CA LEU E 110 -33.07 1.69 -19.15
C LEU E 110 -32.59 3.12 -18.87
N SER E 111 -33.03 4.07 -19.71
CA SER E 111 -32.66 5.47 -19.53
C SER E 111 -33.11 5.93 -18.14
N ASN E 112 -34.30 5.48 -17.72
CA ASN E 112 -34.87 5.88 -16.43
C ASN E 112 -34.06 5.33 -15.26
N THR E 113 -33.75 4.04 -15.28
CA THR E 113 -32.90 3.51 -14.22
C THR E 113 -31.53 4.18 -14.14
N GLN E 114 -30.92 4.47 -15.28
CA GLN E 114 -29.60 5.08 -15.32
C GLN E 114 -29.65 6.51 -14.74
N SER E 115 -30.69 7.24 -15.12
CA SER E 115 -31.03 8.51 -14.47
C SER E 115 -31.19 8.30 -12.98
N ARG E 116 -32.07 7.40 -12.54
CA ARG E 116 -32.28 7.14 -11.13
C ARG E 116 -30.96 6.87 -10.36
N ARG E 117 -30.04 6.03 -10.91
CA ARG E 117 -28.75 5.69 -10.26
C ARG E 117 -27.89 6.92 -10.08
N SER E 118 -27.71 7.69 -11.17
CA SER E 118 -26.87 8.87 -11.11
C SER E 118 -27.45 9.95 -10.15
N ARG E 119 -28.75 10.15 -10.28
CA ARG E 119 -29.54 11.13 -9.47
C ARG E 119 -29.53 10.72 -8.00
N ALA E 120 -29.58 9.41 -7.72
CA ALA E 120 -29.64 8.96 -6.31
C ALA E 120 -28.36 9.36 -5.60
N GLY E 121 -27.24 9.15 -6.31
CA GLY E 121 -25.90 9.47 -5.82
C GLY E 121 -25.72 10.98 -5.67
N LYS E 122 -26.12 11.74 -6.70
CA LYS E 122 -25.92 13.18 -6.65
C LYS E 122 -26.85 13.81 -5.60
N GLU E 123 -28.05 13.28 -5.49
CA GLU E 123 -28.99 13.78 -4.48
C GLU E 123 -28.44 13.47 -3.08
N PHE E 124 -27.90 12.27 -2.88
CA PHE E 124 -27.35 11.86 -1.58
C PHE E 124 -26.21 12.80 -1.20
N GLU E 125 -25.34 13.08 -2.16
CA GLU E 125 -24.20 13.99 -1.90
C GLU E 125 -24.72 15.40 -1.59
N SER E 126 -25.73 15.86 -2.33
CA SER E 126 -26.33 17.19 -2.10
C SER E 126 -26.93 17.28 -0.73
N ILE E 127 -27.64 16.21 -0.33
CA ILE E 127 -28.28 16.16 1.00
C ILE E 127 -27.21 16.33 2.08
N LEU E 128 -26.10 15.61 1.95
CA LEU E 128 -24.99 15.71 2.91
C LEU E 128 -24.31 17.07 2.87
N GLU E 129 -24.23 17.66 1.70
CA GLU E 129 -23.61 18.97 1.54
C GLU E 129 -24.42 20.03 2.29
N LEU E 130 -25.73 20.01 2.08
CA LEU E 130 -26.60 20.95 2.77
C LEU E 130 -26.65 20.70 4.29
N LEU E 131 -26.47 19.44 4.69
CA LEU E 131 -26.32 19.08 6.10
C LEU E 131 -25.12 19.81 6.72
N MET E 132 -23.96 19.77 6.07
CA MET E 132 -22.76 20.45 6.60
C MET E 132 -22.96 21.96 6.58
N MET E 133 -23.57 22.49 5.53
CA MET E 133 -23.88 23.92 5.46
C MET E 133 -24.85 24.35 6.57
N GLY E 134 -25.87 23.54 6.83
CA GLY E 134 -26.81 23.82 7.90
C GLY E 134 -26.18 23.77 9.27
N ALA E 135 -25.23 22.87 9.42
CA ALA E 135 -24.45 22.72 10.66
C ALA E 135 -23.45 23.85 10.84
N GLY E 136 -23.25 24.65 9.79
CA GLY E 136 -22.35 25.80 9.82
C GLY E 136 -20.89 25.41 9.70
N ILE E 137 -20.64 24.18 9.27
CA ILE E 137 -19.30 23.62 9.20
C ILE E 137 -18.69 24.00 7.85
N PRO E 138 -17.45 24.52 7.83
CA PRO E 138 -16.82 24.94 6.58
C PRO E 138 -16.39 23.73 5.76
N VAL E 139 -16.80 23.71 4.50
CA VAL E 139 -16.46 22.64 3.59
C VAL E 139 -16.29 23.21 2.19
N ASP E 140 -15.42 22.59 1.41
CA ASP E 140 -15.39 22.77 -0.03
C ASP E 140 -16.08 21.57 -0.65
N VAL E 141 -16.94 21.84 -1.62
CA VAL E 141 -17.60 20.80 -2.35
C VAL E 141 -16.79 20.55 -3.61
N GLN E 142 -16.22 19.36 -3.77
CA GLN E 142 -15.34 19.12 -4.91
C GLN E 142 -16.06 19.28 -6.25
N GLY E 143 -17.37 19.01 -6.25
CA GLY E 143 -18.20 19.21 -7.45
C GLY E 143 -18.52 20.66 -7.75
N ALA E 144 -17.94 21.57 -6.98
CA ALA E 144 -18.24 23.01 -7.09
C ALA E 144 -17.00 23.91 -7.30
N ILE E 145 -15.82 23.32 -7.39
CA ILE E 145 -14.61 24.11 -7.67
C ILE E 145 -14.11 23.80 -9.08
N ASN E 153 -2.64 13.66 -8.11
CA ASN E 153 -3.58 14.51 -7.38
C ASN E 153 -3.44 14.33 -5.87
N GLN E 154 -4.25 15.09 -5.13
CA GLN E 154 -4.24 15.03 -3.67
C GLN E 154 -5.58 14.55 -3.14
N ILE E 155 -6.64 14.82 -3.90
CA ILE E 155 -7.99 14.43 -3.53
C ILE E 155 -8.68 13.86 -4.76
N GLY E 156 -9.05 12.58 -4.73
CA GLY E 156 -9.81 11.99 -5.85
C GLY E 156 -11.24 12.51 -5.94
N LYS E 157 -11.88 12.32 -7.09
CA LYS E 157 -13.26 12.81 -7.33
C LYS E 157 -14.32 12.07 -6.50
N LEU E 158 -13.92 10.98 -5.89
CA LEU E 158 -14.75 10.15 -5.03
C LEU E 158 -15.04 10.92 -3.71
N VAL E 159 -14.13 11.82 -3.33
CA VAL E 159 -14.34 12.66 -2.14
C VAL E 159 -15.27 13.80 -2.48
N ASP E 160 -16.37 13.92 -1.75
CA ASP E 160 -17.39 14.90 -2.06
C ASP E 160 -17.18 16.19 -1.31
N LEU E 161 -16.77 16.05 -0.06
CA LEU E 161 -16.69 17.16 0.87
C LEU E 161 -15.31 17.16 1.54
N VAL E 162 -14.71 18.35 1.59
CA VAL E 162 -13.43 18.54 2.27
C VAL E 162 -13.59 19.63 3.32
N MET E 163 -13.29 19.27 4.56
CA MET E 163 -13.48 20.18 5.68
C MET E 163 -12.07 20.46 6.17
N PRO E 164 -11.67 21.75 6.25
CA PRO E 164 -12.48 22.96 6.01
C PRO E 164 -12.37 23.46 4.58
N GLY E 165 -11.44 22.92 3.80
CA GLY E 165 -11.33 23.29 2.41
C GLY E 165 -10.14 22.69 1.73
N VAL E 166 -10.10 22.78 0.40
CA VAL E 166 -8.98 22.17 -0.34
C VAL E 166 -7.66 22.89 -0.18
N VAL E 167 -7.71 24.22 -0.02
CA VAL E 167 -6.48 24.99 0.17
C VAL E 167 -5.83 24.60 1.46
N GLN E 168 -6.61 24.55 2.54
CA GLN E 168 -6.09 24.14 3.82
C GLN E 168 -5.56 22.72 3.76
N TYR E 169 -6.32 21.82 3.14
CA TYR E 169 -5.90 20.41 3.03
C TYR E 169 -4.56 20.28 2.31
N THR E 170 -4.41 21.03 1.22
CA THR E 170 -3.15 21.01 0.46
C THR E 170 -1.99 21.50 1.30
N SER E 171 -2.25 22.52 2.11
CA SER E 171 -1.27 23.06 3.05
C SER E 171 -0.79 21.98 4.02
N ASN E 172 -1.74 21.30 4.63
CA ASN E 172 -1.45 20.18 5.53
C ASN E 172 -2.76 19.46 5.81
N LYS E 173 -2.72 18.13 5.74
CA LYS E 173 -3.95 17.35 5.91
C LYS E 173 -4.34 17.21 7.39
N ARG E 174 -3.49 17.72 8.28
CA ARG E 174 -3.80 17.68 9.71
C ARG E 174 -5.09 18.42 10.03
N ASN E 175 -5.89 17.83 10.92
CA ASN E 175 -7.15 18.47 11.34
C ASN E 175 -8.20 18.67 10.25
N THR E 176 -8.13 17.85 9.20
CA THR E 176 -9.12 17.94 8.11
C THR E 176 -10.00 16.68 8.12
N MET E 177 -11.09 16.73 7.37
CA MET E 177 -12.00 15.61 7.29
C MET E 177 -12.43 15.49 5.85
N LEU E 178 -12.35 14.28 5.31
CA LEU E 178 -12.79 13.99 3.95
C LEU E 178 -13.96 13.06 4.02
N ILE E 179 -15.00 13.35 3.23
CA ILE E 179 -16.20 12.54 3.25
C ILE E 179 -16.57 12.14 1.84
N SER E 180 -16.82 10.84 1.67
CA SER E 180 -17.32 10.26 0.42
C SER E 180 -18.67 9.67 0.74
N ALA E 181 -19.50 9.46 -0.27
CA ALA E 181 -20.81 8.92 -0.04
C ALA E 181 -21.13 7.91 -1.12
N LYS E 182 -21.73 6.79 -0.70
CA LYS E 182 -22.34 5.82 -1.63
C LYS E 182 -23.67 5.35 -1.03
N THR E 183 -24.76 5.49 -1.77
CA THR E 183 -26.08 5.13 -1.22
C THR E 183 -26.13 3.66 -0.82
N THR E 184 -25.68 2.81 -1.75
CA THR E 184 -25.41 1.41 -1.45
C THR E 184 -23.97 1.10 -1.81
N LEU E 185 -23.42 0.06 -1.20
CA LEU E 185 -22.03 -0.33 -1.41
C LEU E 185 -21.75 -1.39 -2.46
N ARG E 186 -22.54 -2.48 -2.47
CA ARG E 186 -22.22 -3.69 -3.27
C ARG E 186 -20.73 -4.03 -3.09
N GLU E 187 -19.99 -4.20 -4.19
CA GLU E 187 -18.52 -4.35 -4.12
C GLU E 187 -17.80 -2.99 -4.37
N ARG E 188 -18.59 -1.97 -4.71
CA ARG E 188 -18.08 -0.65 -5.07
C ARG E 188 -17.34 0.07 -3.96
N TRP E 189 -17.52 -0.40 -2.73
CA TRP E 189 -16.70 0.12 -1.65
C TRP E 189 -15.20 -0.05 -1.89
N GLN E 190 -14.86 -1.02 -2.72
CA GLN E 190 -13.43 -1.29 -3.01
C GLN E 190 -12.73 -0.11 -3.70
N GLU E 191 -13.55 0.79 -4.30
CA GLU E 191 -13.01 2.00 -4.91
C GLU E 191 -12.37 2.92 -3.89
N VAL E 192 -12.88 2.88 -2.69
CA VAL E 192 -12.50 3.88 -1.69
C VAL E 192 -11.06 3.64 -1.18
N PRO E 193 -10.72 2.41 -0.72
CA PRO E 193 -9.33 2.19 -0.33
C PRO E 193 -8.36 2.49 -1.47
N GLU E 194 -8.76 2.24 -2.72
CA GLU E 194 -7.90 2.57 -3.83
C GLU E 194 -7.54 4.05 -3.84
N GLU E 195 -8.53 4.91 -3.58
CA GLU E 195 -8.31 6.35 -3.63
C GLU E 195 -7.55 6.80 -2.40
N VAL E 196 -7.84 6.15 -1.28
CA VAL E 196 -7.15 6.46 -0.03
C VAL E 196 -5.66 6.19 -0.18
N ASN E 197 -5.31 4.99 -0.66
CA ASN E 197 -3.91 4.60 -0.84
C ASN E 197 -3.16 5.36 -1.93
N ARG E 198 -3.88 5.75 -2.98
CA ARG E 198 -3.27 6.44 -4.09
C ARG E 198 -2.73 7.82 -3.71
N THR E 199 -3.45 8.50 -2.81
CA THR E 199 -3.15 9.90 -2.52
C THR E 199 -2.64 10.13 -1.10
N GLY E 200 -2.42 9.05 -0.35
CA GLY E 200 -1.87 9.16 1.01
C GLY E 200 -2.89 9.71 1.99
N ILE E 201 -4.17 9.61 1.68
CA ILE E 201 -5.20 10.08 2.63
C ILE E 201 -5.06 9.39 3.98
N ARG E 202 -5.09 10.16 5.07
CA ARG E 202 -4.99 9.58 6.42
C ARG E 202 -6.18 8.70 6.79
N GLU E 203 -7.38 9.22 6.56
CA GLU E 203 -8.62 8.51 6.83
C GLU E 203 -9.73 9.15 6.02
N MET E 204 -10.73 8.35 5.67
CA MET E 204 -11.88 8.91 4.94
C MET E 204 -13.15 8.36 5.54
N TYR E 205 -14.17 9.22 5.56
CA TYR E 205 -15.45 8.79 6.00
C TYR E 205 -16.25 8.38 4.81
N LEU E 206 -16.90 7.23 4.90
CA LEU E 206 -17.75 6.74 3.82
C LEU E 206 -19.19 6.67 4.28
N ALA E 207 -19.95 7.67 3.88
CA ALA E 207 -21.35 7.74 4.24
C ALA E 207 -22.18 6.80 3.38
N THR E 208 -23.12 6.04 3.98
CA THR E 208 -23.96 5.09 3.23
C THR E 208 -25.32 4.87 3.89
N LEU E 209 -26.29 4.49 3.07
CA LEU E 209 -27.59 4.07 3.55
C LEU E 209 -27.72 2.53 3.51
N ASP E 210 -26.65 1.86 3.04
CA ASP E 210 -26.62 0.41 2.90
C ASP E 210 -26.84 -0.34 4.22
N ASP E 211 -27.74 -1.32 4.22
CA ASP E 211 -28.10 -2.11 5.42
C ASP E 211 -27.61 -3.56 5.37
N SER E 212 -26.67 -3.85 4.46
CA SER E 212 -26.40 -5.23 4.08
C SER E 212 -24.91 -5.58 4.04
N PHE E 213 -24.04 -4.60 4.29
CA PHE E 213 -22.59 -4.88 4.14
C PHE E 213 -22.09 -5.77 5.28
N SER E 214 -21.04 -6.54 4.98
CA SER E 214 -20.56 -7.60 5.86
C SER E 214 -19.49 -7.17 6.86
N GLU E 215 -19.28 -8.00 7.87
CA GLU E 215 -18.17 -7.77 8.81
C GLU E 215 -16.85 -7.76 8.08
N GLU E 216 -16.71 -8.65 7.10
CA GLU E 216 -15.51 -8.68 6.27
C GLU E 216 -15.24 -7.35 5.61
N THR E 217 -16.28 -6.77 5.00
CA THR E 217 -16.18 -5.47 4.36
C THR E 217 -15.81 -4.37 5.35
N ILE E 218 -16.48 -4.37 6.50
CA ILE E 218 -16.18 -3.38 7.54
C ILE E 218 -14.71 -3.49 7.90
N ASN E 219 -14.21 -4.71 8.11
CA ASN E 219 -12.81 -4.87 8.52
C ASN E 219 -11.79 -4.49 7.45
N ILE E 220 -12.07 -4.83 6.20
CA ILE E 220 -11.14 -4.46 5.12
C ILE E 220 -11.07 -2.93 5.02
N LEU E 221 -12.25 -2.29 5.05
CA LEU E 221 -12.30 -0.83 5.05
C LEU E 221 -11.53 -0.27 6.25
N TYR E 222 -11.75 -0.86 7.41
CA TYR E 222 -11.04 -0.44 8.64
C TYR E 222 -9.52 -0.45 8.48
N GLU E 223 -8.99 -1.55 7.96
CA GLU E 223 -7.56 -1.67 7.74
C GLU E 223 -7.05 -0.56 6.81
N ALA E 224 -7.93 -0.16 5.88
CA ALA E 224 -7.67 0.87 4.90
C ALA E 224 -7.94 2.28 5.37
N ASN E 225 -8.33 2.40 6.64
CA ASN E 225 -8.66 3.68 7.26
C ASN E 225 -9.82 4.38 6.60
N VAL E 226 -10.77 3.59 6.16
CA VAL E 226 -12.09 4.09 5.75
C VAL E 226 -13.13 3.70 6.80
N VAL E 227 -13.83 4.72 7.28
CA VAL E 227 -14.78 4.58 8.36
C VAL E 227 -16.21 4.65 7.76
N VAL E 228 -17.02 3.61 7.95
CA VAL E 228 -18.36 3.62 7.37
C VAL E 228 -19.26 4.36 8.34
N VAL E 229 -20.09 5.22 7.79
CA VAL E 229 -20.98 6.08 8.56
C VAL E 229 -22.39 5.84 8.00
N THR E 230 -23.33 5.52 8.86
CA THR E 230 -24.72 5.33 8.40
C THR E 230 -25.70 5.96 9.38
N THR E 231 -27.00 5.84 9.12
CA THR E 231 -27.98 6.41 10.03
C THR E 231 -27.98 5.63 11.34
N VAL E 232 -28.39 6.29 12.41
CA VAL E 232 -28.49 5.63 13.68
C VAL E 232 -29.47 4.44 13.64
N GLU E 233 -30.57 4.59 12.88
CA GLU E 233 -31.54 3.51 12.66
C GLU E 233 -30.86 2.25 12.13
N ASN E 234 -30.05 2.43 11.10
CA ASN E 234 -29.40 1.31 10.44
C ASN E 234 -28.31 0.67 11.29
N LYS E 235 -27.53 1.51 11.97
CA LYS E 235 -26.53 0.97 12.88
C LYS E 235 -27.19 0.13 13.97
N ASN E 236 -28.20 0.70 14.61
CA ASN E 236 -28.83 0.02 15.74
C ASN E 236 -29.49 -1.28 15.32
N PHE E 237 -30.07 -1.28 14.12
CA PHE E 237 -30.79 -2.43 13.62
C PHE E 237 -29.88 -3.57 13.17
N LYS E 238 -28.75 -3.24 12.55
CA LYS E 238 -27.88 -4.23 11.92
C LYS E 238 -26.44 -4.30 12.48
N TYR E 239 -25.97 -3.22 13.11
CA TYR E 239 -24.53 -3.13 13.51
C TYR E 239 -24.39 -2.58 14.93
N LYS E 240 -25.37 -2.90 15.77
CA LYS E 240 -25.49 -2.24 17.07
C LYS E 240 -24.21 -2.37 17.89
N ASN E 241 -23.69 -3.59 17.96
CA ASN E 241 -22.53 -3.91 18.79
C ASN E 241 -21.21 -3.43 18.21
N ASN E 242 -21.23 -3.04 16.93
CA ASN E 242 -20.02 -2.91 16.13
C ASN E 242 -19.41 -1.51 16.14
N ASN E 243 -18.31 -1.32 16.86
CA ASN E 243 -17.82 0.04 17.08
C ASN E 243 -17.07 0.60 15.88
N ARG E 244 -16.93 -0.25 14.86
CA ARG E 244 -16.29 0.17 13.62
C ARG E 244 -17.31 0.75 12.64
N VAL E 245 -18.57 0.78 13.04
CA VAL E 245 -19.57 1.42 12.20
C VAL E 245 -20.08 2.63 12.95
N LEU E 246 -19.91 3.81 12.37
CA LEU E 246 -20.32 5.07 12.99
C LEU E 246 -21.68 5.52 12.51
N THR E 247 -22.29 6.46 13.24
CA THR E 247 -23.54 7.07 12.81
C THR E 247 -23.24 8.48 12.28
N PHE E 248 -24.17 9.05 11.54
CA PHE E 248 -24.02 10.44 11.10
C PHE E 248 -23.89 11.34 12.30
N GLU E 249 -24.54 10.95 13.40
CA GLU E 249 -24.47 11.71 14.63
C GLU E 249 -23.02 11.76 15.07
N ASP E 250 -22.32 10.61 15.05
CA ASP E 250 -20.90 10.52 15.41
C ASP E 250 -20.05 11.39 14.49
N MET E 251 -20.28 11.25 13.19
CA MET E 251 -19.51 12.01 12.21
C MET E 251 -19.71 13.52 12.35
N LEU E 252 -20.95 13.96 12.62
CA LEU E 252 -21.20 15.37 12.80
C LEU E 252 -20.49 15.92 14.01
N GLN E 253 -20.43 15.13 15.08
CA GLN E 253 -19.74 15.57 16.29
C GLN E 253 -18.23 15.68 16.03
N SER E 254 -17.68 14.75 15.24
CA SER E 254 -16.27 14.82 14.86
C SER E 254 -15.98 16.03 13.98
N ALA E 255 -16.85 16.29 13.01
CA ALA E 255 -16.70 17.41 12.09
C ALA E 255 -16.72 18.73 12.85
N MET E 256 -17.67 18.85 13.77
CA MET E 256 -17.79 20.04 14.60
C MET E 256 -16.51 20.28 15.40
N GLU E 257 -16.00 19.24 16.07
CA GLU E 257 -14.80 19.37 16.90
C GLU E 257 -13.58 19.85 16.09
N LEU E 258 -13.40 19.26 14.92
CA LEU E 258 -12.29 19.61 14.05
C LEU E 258 -12.45 21.01 13.49
N SER E 259 -13.69 21.39 13.18
CA SER E 259 -13.98 22.70 12.63
C SER E 259 -13.60 23.83 13.59
N ARG E 260 -13.79 23.58 14.90
CA ARG E 260 -13.47 24.61 15.90
C ARG E 260 -12.00 24.96 15.83
N LYS E 261 -11.17 23.98 15.49
CA LYS E 261 -9.73 24.20 15.34
C LYS E 261 -9.42 25.18 14.20
N TRP E 262 -10.42 25.52 13.39
CA TRP E 262 -10.23 26.40 12.24
C TRP E 262 -10.92 27.76 12.35
N ASN E 263 -11.66 28.01 13.42
CA ASN E 263 -12.42 29.25 13.47
C ASN E 263 -11.67 30.51 13.88
N ASN E 264 -10.44 30.33 14.35
CA ASN E 264 -9.57 31.45 14.71
C ASN E 264 -8.14 31.28 14.18
N VAL E 265 -8.03 31.16 12.86
CA VAL E 265 -6.74 30.96 12.22
C VAL E 265 -6.36 32.19 11.38
N SER E 266 -5.07 32.52 11.39
CA SER E 266 -4.55 33.55 10.50
C SER E 266 -3.89 32.87 9.30
N TYR E 267 -4.23 33.34 8.10
CA TYR E 267 -3.66 32.81 6.87
C TYR E 267 -2.68 33.80 6.25
N THR E 268 -1.71 33.28 5.50
CA THR E 268 -0.81 34.13 4.73
C THR E 268 -1.60 34.83 3.62
N ASP E 269 -0.99 35.87 3.05
CA ASP E 269 -1.56 36.60 1.94
C ASP E 269 -2.06 35.66 0.85
N SER E 270 -1.16 34.80 0.37
CA SER E 270 -1.47 33.86 -0.67
C SER E 270 -2.56 32.88 -0.24
N GLU E 271 -2.42 32.30 0.95
CA GLU E 271 -3.39 31.31 1.44
C GLU E 271 -4.80 31.89 1.49
N LYS E 272 -4.95 33.04 2.14
CA LYS E 272 -6.21 33.76 2.20
C LYS E 272 -6.71 34.04 0.78
N GLU E 273 -5.80 34.45 -0.11
CA GLU E 273 -6.12 34.64 -1.52
C GLU E 273 -6.69 33.38 -2.16
N GLU E 274 -6.03 32.23 -1.93
CA GLU E 274 -6.44 30.97 -2.53
C GLU E 274 -7.79 30.55 -1.98
N ILE E 275 -7.99 30.73 -0.68
CA ILE E 275 -9.24 30.32 -0.03
C ILE E 275 -10.40 31.14 -0.57
N GLN E 276 -10.17 32.45 -0.66
CA GLN E 276 -11.13 33.35 -1.28
C GLN E 276 -11.46 32.89 -2.68
N GLN E 277 -10.46 32.52 -3.46
CA GLN E 277 -10.67 32.03 -4.81
C GLN E 277 -11.46 30.72 -4.83
N SER E 278 -11.19 29.84 -3.85
CA SER E 278 -11.99 28.61 -3.68
C SER E 278 -13.46 28.90 -3.41
N ILE E 279 -13.73 29.77 -2.45
CA ILE E 279 -15.09 30.14 -2.06
C ILE E 279 -15.81 30.88 -3.19
N LEU E 280 -15.07 31.77 -3.88
CA LEU E 280 -15.59 32.50 -5.04
C LEU E 280 -16.13 31.54 -6.10
N LYS E 281 -15.34 30.53 -6.46
CA LYS E 281 -15.76 29.49 -7.39
C LYS E 281 -17.09 28.86 -7.03
N GLN E 282 -17.27 28.63 -5.73
CA GLN E 282 -18.47 28.01 -5.19
C GLN E 282 -19.68 28.92 -5.11
N ILE E 283 -19.47 30.20 -4.83
CA ILE E 283 -20.55 31.21 -4.92
C ILE E 283 -21.07 31.27 -6.36
N GLU E 284 -20.14 31.18 -7.31
CA GLU E 284 -20.48 31.19 -8.74
C GLU E 284 -21.32 30.00 -9.15
N LYS E 285 -20.91 28.79 -8.74
CA LYS E 285 -21.65 27.58 -9.05
C LYS E 285 -23.06 27.59 -8.47
N TYR E 286 -23.18 28.14 -7.27
CA TYR E 286 -24.44 28.08 -6.55
C TYR E 286 -25.16 29.42 -6.55
N SER E 287 -24.88 30.24 -7.56
CA SER E 287 -25.46 31.58 -7.72
C SER E 287 -26.97 31.63 -7.49
N ASP E 288 -27.69 30.64 -8.01
CA ASP E 288 -29.15 30.64 -8.00
C ASP E 288 -29.82 30.15 -6.71
N PHE E 289 -29.01 29.82 -5.71
CA PHE E 289 -29.48 29.22 -4.46
C PHE E 289 -29.08 30.09 -3.28
N PRO E 290 -30.00 30.98 -2.83
CA PRO E 290 -29.77 31.99 -1.79
C PRO E 290 -29.15 31.49 -0.49
N TYR E 291 -29.71 30.42 0.06
CA TYR E 291 -29.22 29.83 1.30
C TYR E 291 -27.75 29.41 1.23
N VAL E 292 -27.35 28.87 0.09
CA VAL E 292 -25.97 28.39 -0.12
C VAL E 292 -25.02 29.56 -0.39
N VAL E 293 -25.43 30.50 -1.25
CA VAL E 293 -24.62 31.70 -1.48
C VAL E 293 -24.35 32.39 -0.13
N ASN E 294 -25.37 32.40 0.73
CA ASN E 294 -25.27 33.01 2.05
C ASN E 294 -24.25 32.31 2.92
N TYR E 295 -24.30 30.98 2.90
CA TYR E 295 -23.34 30.17 3.60
C TYR E 295 -21.90 30.56 3.23
N TYR E 296 -21.63 30.65 1.94
CA TYR E 296 -20.28 30.95 1.46
C TYR E 296 -19.85 32.39 1.76
N ARG E 297 -20.80 33.32 1.60
CA ARG E 297 -20.54 34.74 1.90
C ARG E 297 -20.03 34.96 3.32
N ASN E 298 -20.70 34.32 4.29
CA ASN E 298 -20.23 34.31 5.68
C ASN E 298 -18.79 33.87 5.80
N ARG E 299 -18.46 32.78 5.12
CA ARG E 299 -17.11 32.24 5.16
C ARG E 299 -16.10 33.20 4.53
N LEU E 300 -16.55 33.94 3.53
CA LEU E 300 -15.69 34.87 2.79
C LEU E 300 -15.40 36.15 3.57
N SER E 301 -16.37 36.66 4.31
CA SER E 301 -16.19 37.89 5.07
C SER E 301 -15.59 37.66 6.46
N ALA E 302 -15.45 36.39 6.85
CA ALA E 302 -14.81 36.06 8.12
C ALA E 302 -13.28 36.08 8.00
N ARG F 3 -55.39 -9.67 -12.29
CA ARG F 3 -54.64 -8.41 -12.40
C ARG F 3 -53.36 -8.49 -11.57
N LEU F 4 -52.22 -8.58 -12.24
CA LEU F 4 -50.93 -8.73 -11.56
C LEU F 4 -50.47 -7.46 -10.84
N SER F 5 -50.19 -7.58 -9.54
CA SER F 5 -49.57 -6.50 -8.77
C SER F 5 -48.08 -6.42 -9.17
N PRO F 6 -47.40 -5.28 -8.92
CA PRO F 6 -45.97 -5.21 -9.27
C PRO F 6 -45.11 -6.30 -8.63
N GLY F 7 -45.36 -6.62 -7.37
CA GLY F 7 -44.56 -7.64 -6.67
C GLY F 7 -44.81 -9.03 -7.25
N GLU F 8 -46.07 -9.28 -7.61
CA GLU F 8 -46.42 -10.55 -8.23
C GLU F 8 -45.76 -10.70 -9.60
N PHE F 9 -45.71 -9.61 -10.35
CA PHE F 9 -45.10 -9.58 -11.68
C PHE F 9 -43.61 -9.84 -11.56
N LYS F 10 -42.96 -9.24 -10.57
CA LYS F 10 -41.54 -9.50 -10.32
C LYS F 10 -41.28 -10.98 -10.03
N THR F 11 -42.15 -11.59 -9.23
CA THR F 11 -42.00 -12.99 -8.86
C THR F 11 -42.14 -13.91 -10.07
N LEU F 12 -43.13 -13.61 -10.90
CA LEU F 12 -43.33 -14.33 -12.14
C LEU F 12 -42.13 -14.17 -13.09
N ILE F 13 -41.61 -12.94 -13.21
CA ILE F 13 -40.50 -12.65 -14.14
C ILE F 13 -39.28 -13.49 -13.75
N SER F 14 -39.00 -13.53 -12.45
CA SER F 14 -37.89 -14.32 -11.92
C SER F 14 -38.07 -15.83 -12.13
N LYS F 15 -39.30 -16.30 -11.91
CA LYS F 15 -39.63 -17.71 -12.12
C LYS F 15 -39.43 -18.08 -13.58
N GLU F 16 -39.93 -17.22 -14.47
CA GLU F 16 -39.89 -17.46 -15.90
C GLU F 16 -38.49 -17.35 -16.45
N ARG F 17 -37.72 -16.38 -15.96
CA ARG F 17 -36.34 -16.21 -16.40
C ARG F 17 -35.51 -17.45 -16.08
N LYS F 18 -35.64 -17.94 -14.86
CA LYS F 18 -34.93 -19.14 -14.43
C LYS F 18 -35.31 -20.36 -15.28
N SER F 19 -36.59 -20.48 -15.61
CA SER F 19 -37.11 -21.62 -16.35
C SER F 19 -36.71 -21.64 -17.80
N HIS F 20 -36.53 -20.46 -18.39
CA HIS F 20 -36.40 -20.38 -19.84
C HIS F 20 -35.05 -19.99 -20.39
N PHE F 21 -34.22 -19.37 -19.57
CA PHE F 21 -32.89 -19.00 -20.02
C PHE F 21 -31.88 -19.97 -19.50
N ILE F 22 -31.01 -20.45 -20.38
CA ILE F 22 -29.85 -21.21 -19.92
C ILE F 22 -28.82 -20.28 -19.28
N THR F 23 -27.94 -20.85 -18.46
CA THR F 23 -26.99 -20.07 -17.69
C THR F 23 -25.99 -19.40 -18.65
N PRO F 24 -25.35 -18.30 -18.22
CA PRO F 24 -24.30 -17.65 -19.00
C PRO F 24 -23.25 -18.65 -19.44
N PHE F 25 -22.74 -19.48 -18.54
CA PHE F 25 -21.74 -20.47 -18.97
C PHE F 25 -22.29 -21.47 -19.97
N ALA F 26 -23.49 -21.97 -19.73
CA ALA F 26 -24.12 -22.89 -20.68
C ALA F 26 -24.24 -22.27 -22.07
N LEU F 27 -24.59 -20.98 -22.14
CA LEU F 27 -24.75 -20.32 -23.45
C LEU F 27 -23.40 -20.19 -24.12
N VAL F 28 -22.40 -19.81 -23.34
CA VAL F 28 -21.05 -19.68 -23.88
C VAL F 28 -20.57 -21.06 -24.35
N TYR F 29 -20.80 -22.09 -23.54
CA TYR F 29 -20.36 -23.44 -23.92
C TYR F 29 -21.08 -23.93 -25.18
N LYS F 30 -22.39 -23.70 -25.26
CA LYS F 30 -23.14 -24.04 -26.48
C LYS F 30 -22.54 -23.36 -27.73
N THR F 31 -22.23 -22.07 -27.57
CA THR F 31 -21.72 -21.23 -28.65
C THR F 31 -20.32 -21.68 -29.03
N PHE F 32 -19.49 -21.91 -28.02
CA PHE F 32 -18.13 -22.50 -28.22
C PHE F 32 -18.15 -23.74 -29.11
N CYS F 33 -19.03 -24.67 -28.80
CA CYS F 33 -19.17 -25.89 -29.59
C CYS F 33 -19.84 -25.64 -30.96
N ASP F 34 -20.85 -24.77 -31.00
CA ASP F 34 -21.57 -24.46 -32.26
C ASP F 34 -20.64 -23.87 -33.28
N LEU F 35 -19.69 -23.05 -32.83
CA LEU F 35 -18.74 -22.42 -33.74
C LEU F 35 -17.51 -23.27 -34.07
N GLY F 36 -17.44 -24.47 -33.50
CA GLY F 36 -16.37 -25.44 -33.77
C GLY F 36 -15.10 -25.28 -32.97
N TYR F 37 -15.13 -24.38 -31.97
CA TYR F 37 -13.90 -24.10 -31.21
C TYR F 37 -13.45 -25.27 -30.38
N ASP F 38 -14.38 -26.19 -30.11
CA ASP F 38 -14.07 -27.37 -29.34
C ASP F 38 -13.22 -28.37 -30.11
N GLN F 39 -12.91 -28.06 -31.36
CA GLN F 39 -12.07 -28.94 -32.17
C GLN F 39 -10.74 -28.32 -32.57
N LYS F 40 -10.53 -27.08 -32.16
CA LYS F 40 -9.30 -26.34 -32.48
C LYS F 40 -8.20 -26.71 -31.53
N ASN F 41 -6.97 -26.73 -32.07
CA ASN F 41 -5.81 -27.01 -31.24
C ASN F 41 -5.37 -25.79 -30.44
N SER F 42 -4.41 -26.00 -29.55
CA SER F 42 -3.98 -24.96 -28.64
C SER F 42 -3.38 -23.78 -29.41
N ASP F 43 -2.65 -24.07 -30.48
CA ASP F 43 -2.05 -23.00 -31.28
C ASP F 43 -3.09 -22.02 -31.79
N TYR F 44 -4.28 -22.52 -32.14
CA TYR F 44 -5.36 -21.63 -32.57
C TYR F 44 -5.68 -20.54 -31.54
N PHE F 45 -5.83 -20.95 -30.29
CA PHE F 45 -6.19 -20.04 -29.23
C PHE F 45 -5.04 -19.12 -28.87
N LEU F 46 -3.83 -19.66 -28.97
CA LEU F 46 -2.64 -18.92 -28.63
C LEU F 46 -2.50 -17.78 -29.61
N ASN F 47 -2.81 -18.06 -30.87
CA ASN F 47 -2.54 -17.13 -31.95
C ASN F 47 -3.68 -16.20 -32.25
N ASN F 48 -4.91 -16.62 -31.95
CA ASN F 48 -6.11 -15.91 -32.42
C ASN F 48 -7.05 -15.52 -31.27
N PRO F 49 -6.52 -15.13 -30.12
CA PRO F 49 -7.48 -14.85 -29.02
C PRO F 49 -8.47 -13.74 -29.24
N SER F 50 -8.00 -12.63 -29.81
CA SER F 50 -8.92 -11.49 -29.98
C SER F 50 -10.07 -11.82 -30.88
N GLU F 51 -9.74 -12.52 -31.98
CA GLU F 51 -10.76 -12.94 -32.92
C GLU F 51 -11.76 -13.89 -32.29
N TYR F 52 -11.26 -14.83 -31.51
CA TYR F 52 -12.10 -15.80 -30.83
C TYR F 52 -13.06 -15.07 -29.88
N ILE F 53 -12.52 -14.14 -29.08
CA ILE F 53 -13.33 -13.42 -28.12
C ILE F 53 -14.47 -12.63 -28.78
N ILE F 54 -14.16 -11.90 -29.85
CA ILE F 54 -15.17 -11.11 -30.55
C ILE F 54 -16.24 -11.99 -31.20
N ALA F 55 -15.81 -13.10 -31.82
CA ALA F 55 -16.75 -14.03 -32.46
C ALA F 55 -17.65 -14.65 -31.41
N MET F 56 -17.07 -15.03 -30.26
CA MET F 56 -17.89 -15.57 -29.17
C MET F 56 -18.96 -14.58 -28.69
N ARG F 57 -18.52 -13.35 -28.43
CA ARG F 57 -19.41 -12.27 -27.97
C ARG F 57 -20.55 -12.05 -28.95
N LYS F 58 -20.21 -11.90 -30.24
CA LYS F 58 -21.23 -11.67 -31.28
C LYS F 58 -22.25 -12.78 -31.35
N ASN F 59 -21.77 -14.01 -31.37
CA ASN F 59 -22.65 -15.16 -31.45
C ASN F 59 -23.48 -15.42 -30.20
N CYS F 60 -22.88 -15.23 -29.03
CA CYS F 60 -23.70 -15.27 -27.81
C CYS F 60 -24.85 -14.27 -27.86
N TRP F 61 -24.58 -13.05 -28.31
CA TRP F 61 -25.61 -12.01 -28.34
C TRP F 61 -26.65 -12.29 -29.41
N LYS F 62 -26.21 -12.82 -30.54
CA LYS F 62 -27.13 -13.17 -31.64
C LYS F 62 -28.20 -14.15 -31.19
N GLU F 63 -27.83 -15.10 -30.34
CA GLU F 63 -28.77 -16.06 -29.77
C GLU F 63 -29.61 -15.43 -28.66
N PHE F 64 -28.96 -14.72 -27.76
CA PHE F 64 -29.64 -14.21 -26.58
C PHE F 64 -30.69 -13.17 -26.93
N GLU F 65 -30.32 -12.17 -27.72
CA GLU F 65 -31.17 -10.99 -27.85
C GLU F 65 -32.59 -11.26 -28.40
N PRO F 66 -32.71 -12.05 -29.50
CA PRO F 66 -34.06 -12.41 -29.96
C PRO F 66 -34.89 -13.14 -28.91
N PHE F 67 -34.23 -14.00 -28.14
CA PHE F 67 -34.90 -14.74 -27.09
C PHE F 67 -35.36 -13.82 -25.96
N GLU F 68 -34.50 -12.89 -25.56
CA GLU F 68 -34.86 -11.90 -24.55
C GLU F 68 -36.01 -11.01 -25.04
N LYS F 69 -35.99 -10.64 -26.32
CA LYS F 69 -37.08 -9.84 -26.91
C LYS F 69 -38.42 -10.58 -26.82
N GLU F 70 -38.41 -11.86 -27.21
CA GLU F 70 -39.59 -12.71 -27.14
C GLU F 70 -40.06 -12.92 -25.68
N PHE F 71 -39.10 -13.04 -24.77
CA PHE F 71 -39.40 -13.12 -23.34
C PHE F 71 -40.11 -11.87 -22.83
N THR F 72 -39.58 -10.70 -23.17
CA THR F 72 -40.15 -9.44 -22.74
C THR F 72 -41.60 -9.34 -23.21
N THR F 73 -41.80 -9.61 -24.48
CA THR F 73 -43.18 -9.56 -25.03
C THR F 73 -44.11 -10.50 -24.28
N ARG F 74 -43.63 -11.70 -23.97
CA ARG F 74 -44.42 -12.69 -23.26
C ARG F 74 -44.76 -12.23 -21.86
N MET F 75 -43.77 -11.67 -21.16
CA MET F 75 -44.01 -11.14 -19.83
C MET F 75 -45.06 -10.05 -19.88
N LEU F 76 -44.92 -9.14 -20.82
CA LEU F 76 -45.87 -8.03 -20.93
C LEU F 76 -47.30 -8.52 -21.19
N SER F 77 -47.43 -9.67 -21.84
CA SER F 77 -48.79 -10.09 -22.22
C SER F 77 -49.61 -10.60 -21.00
N TYR F 78 -48.91 -10.90 -19.91
CA TYR F 78 -49.54 -11.23 -18.62
C TYR F 78 -50.27 -10.06 -17.93
N LEU F 79 -50.07 -8.85 -18.44
CA LEU F 79 -50.75 -7.70 -17.86
C LEU F 79 -51.89 -7.17 -18.75
N ILE F 80 -52.02 -7.70 -19.95
CA ILE F 80 -53.13 -7.32 -20.82
C ILE F 80 -54.44 -7.77 -20.19
N ASP F 81 -55.40 -6.85 -20.12
CA ASP F 81 -56.65 -7.07 -19.41
C ASP F 81 -57.77 -6.88 -20.43
N GLU F 82 -58.29 -8.00 -20.90
CA GLU F 82 -59.32 -8.00 -21.94
C GLU F 82 -60.61 -7.35 -21.44
N GLU F 83 -61.02 -7.69 -20.22
CA GLU F 83 -62.30 -7.18 -19.70
C GLU F 83 -62.24 -5.66 -19.55
N ARG F 84 -61.04 -5.19 -19.20
CA ARG F 84 -60.77 -3.77 -19.04
C ARG F 84 -60.86 -3.00 -20.38
N ILE F 85 -60.25 -3.55 -21.42
CA ILE F 85 -60.01 -2.81 -22.65
C ILE F 85 -61.06 -3.04 -23.74
N LYS F 86 -62.04 -3.89 -23.43
CA LYS F 86 -63.11 -4.26 -24.36
C LYS F 86 -63.63 -3.20 -25.34
N ASP F 87 -63.95 -2.03 -24.81
CA ASP F 87 -64.74 -1.04 -25.57
C ASP F 87 -63.97 0.25 -25.85
N MET F 88 -62.65 0.17 -25.73
CA MET F 88 -61.81 1.29 -26.07
C MET F 88 -61.40 1.17 -27.53
N SER F 89 -61.07 2.31 -28.15
CA SER F 89 -60.41 2.32 -29.44
C SER F 89 -59.05 1.65 -29.26
N PRO F 90 -58.48 1.11 -30.34
CA PRO F 90 -57.10 0.61 -30.24
C PRO F 90 -56.11 1.65 -29.71
N TYR F 91 -56.30 2.91 -30.10
CA TYR F 91 -55.42 3.99 -29.63
C TYR F 91 -55.54 4.21 -28.12
N ASP F 92 -56.79 4.27 -27.63
CA ASP F 92 -57.06 4.41 -26.21
C ASP F 92 -56.60 3.19 -25.41
N ALA F 93 -56.67 2.02 -26.03
CA ALA F 93 -56.24 0.77 -25.41
C ALA F 93 -54.74 0.85 -25.07
N ILE F 94 -53.93 1.17 -26.07
CA ILE F 94 -52.49 1.35 -25.88
C ILE F 94 -52.21 2.46 -24.88
N ARG F 95 -52.86 3.60 -25.06
CA ARG F 95 -52.67 4.74 -24.16
C ARG F 95 -52.86 4.30 -22.71
N ASP F 96 -53.93 3.54 -22.47
CA ASP F 96 -54.26 2.99 -21.16
C ASP F 96 -53.18 2.05 -20.68
N PHE F 97 -52.75 1.15 -21.55
CA PHE F 97 -51.65 0.27 -21.24
C PHE F 97 -50.44 1.07 -20.76
N THR F 98 -50.09 2.12 -21.50
CA THR F 98 -48.92 2.93 -21.14
C THR F 98 -49.12 3.69 -19.82
N MET F 99 -50.38 3.81 -19.40
CA MET F 99 -50.72 4.55 -18.17
C MET F 99 -50.95 3.67 -16.93
N GLU F 100 -51.53 2.49 -17.11
CA GLU F 100 -51.92 1.64 -15.98
C GLU F 100 -50.79 0.79 -15.39
N TYR F 101 -49.79 0.46 -16.21
CA TYR F 101 -48.74 -0.45 -15.72
C TYR F 101 -47.32 0.10 -15.70
N PRO F 102 -47.12 1.36 -15.26
CA PRO F 102 -45.77 1.91 -15.43
C PRO F 102 -44.77 1.23 -14.54
N THR F 103 -45.17 0.88 -13.31
CA THR F 103 -44.18 0.22 -12.41
C THR F 103 -43.87 -1.17 -12.93
N HIS F 104 -44.90 -1.87 -13.42
CA HIS F 104 -44.76 -3.20 -14.01
C HIS F 104 -43.77 -3.22 -15.17
N ILE F 105 -44.00 -2.36 -16.15
CA ILE F 105 -43.19 -2.29 -17.36
C ILE F 105 -41.77 -1.92 -16.98
N TYR F 106 -41.64 -0.92 -16.11
CA TYR F 106 -40.33 -0.52 -15.61
C TYR F 106 -39.63 -1.67 -14.88
N ASP F 107 -40.34 -2.37 -13.99
CA ASP F 107 -39.76 -3.49 -13.26
C ASP F 107 -39.25 -4.62 -14.14
N LEU F 108 -40.03 -4.91 -15.19
CA LEU F 108 -39.55 -5.88 -16.19
C LEU F 108 -38.27 -5.42 -16.88
N ALA F 109 -38.25 -4.19 -17.39
CA ALA F 109 -37.05 -3.71 -18.07
C ALA F 109 -35.87 -3.66 -17.11
N LEU F 110 -36.14 -3.22 -15.89
CA LEU F 110 -35.09 -3.18 -14.87
C LEU F 110 -34.49 -4.57 -14.65
N SER F 111 -35.36 -5.57 -14.47
CA SER F 111 -34.93 -6.95 -14.27
C SER F 111 -34.06 -7.41 -15.45
N ASN F 112 -34.52 -7.09 -16.67
CA ASN F 112 -33.74 -7.34 -17.91
C ASN F 112 -32.35 -6.73 -17.94
N THR F 113 -32.22 -5.45 -17.61
CA THR F 113 -30.87 -4.85 -17.64
C THR F 113 -29.99 -5.39 -16.52
N GLN F 114 -30.59 -5.72 -15.39
CA GLN F 114 -29.77 -6.28 -14.29
C GLN F 114 -29.27 -7.69 -14.63
N SER F 115 -30.13 -8.44 -15.32
CA SER F 115 -29.72 -9.74 -15.80
C SER F 115 -28.63 -9.57 -16.86
N ARG F 116 -28.85 -8.69 -17.84
CA ARG F 116 -27.84 -8.38 -18.86
C ARG F 116 -26.47 -8.04 -18.28
N ARG F 117 -26.45 -7.20 -17.25
CA ARG F 117 -25.18 -6.78 -16.62
C ARG F 117 -24.48 -7.96 -16.01
N SER F 118 -25.22 -8.73 -15.21
CA SER F 118 -24.66 -9.91 -14.55
C SER F 118 -24.17 -10.97 -15.54
N ARG F 119 -25.04 -11.25 -16.51
CA ARG F 119 -24.72 -12.18 -17.61
C ARG F 119 -23.58 -11.70 -18.48
N ALA F 120 -23.49 -10.41 -18.79
CA ALA F 120 -22.40 -9.92 -19.64
C ALA F 120 -21.07 -10.22 -18.99
N GLY F 121 -20.99 -9.99 -17.70
CA GLY F 121 -19.70 -10.27 -17.00
C GLY F 121 -19.39 -11.75 -16.94
N LYS F 122 -20.40 -12.53 -16.55
CA LYS F 122 -20.23 -13.98 -16.42
C LYS F 122 -19.86 -14.62 -17.79
N GLU F 123 -20.49 -14.14 -18.84
CA GLU F 123 -20.22 -14.67 -20.18
C GLU F 123 -18.81 -14.28 -20.61
N PHE F 124 -18.38 -13.04 -20.39
CA PHE F 124 -17.00 -12.62 -20.78
C PHE F 124 -16.00 -13.48 -20.03
N GLU F 125 -16.22 -13.62 -18.73
CA GLU F 125 -15.38 -14.51 -17.93
C GLU F 125 -15.33 -15.95 -18.46
N SER F 126 -16.50 -16.48 -18.85
CA SER F 126 -16.61 -17.85 -19.37
C SER F 126 -15.88 -17.96 -20.70
N ILE F 127 -16.03 -16.93 -21.54
CA ILE F 127 -15.32 -16.91 -22.82
C ILE F 127 -13.79 -16.97 -22.59
N LEU F 128 -13.30 -16.20 -21.61
CA LEU F 128 -11.84 -16.21 -21.31
C LEU F 128 -11.37 -17.51 -20.68
N GLU F 129 -12.26 -18.13 -19.89
CA GLU F 129 -11.98 -19.42 -19.28
C GLU F 129 -11.77 -20.46 -20.38
N LEU F 130 -12.72 -20.54 -21.31
CA LEU F 130 -12.58 -21.49 -22.41
C LEU F 130 -11.39 -21.19 -23.31
N LEU F 131 -11.03 -19.92 -23.44
CA LEU F 131 -9.81 -19.54 -24.17
C LEU F 131 -8.57 -20.18 -23.54
N MET F 132 -8.41 -20.02 -22.22
CA MET F 132 -7.26 -20.63 -21.55
C MET F 132 -7.29 -22.16 -21.66
N MET F 133 -8.47 -22.78 -21.52
CA MET F 133 -8.61 -24.25 -21.67
C MET F 133 -8.25 -24.69 -23.08
N GLY F 134 -8.76 -23.97 -24.06
CA GLY F 134 -8.45 -24.25 -25.46
C GLY F 134 -6.94 -24.16 -25.72
N ALA F 135 -6.30 -23.17 -25.08
CA ALA F 135 -4.85 -22.95 -25.20
C ALA F 135 -4.03 -24.04 -24.49
N GLY F 136 -4.74 -24.86 -23.71
CA GLY F 136 -4.18 -25.95 -22.90
C GLY F 136 -3.43 -25.48 -21.67
N ILE F 137 -3.68 -24.23 -21.29
CA ILE F 137 -2.95 -23.61 -20.18
C ILE F 137 -3.67 -24.00 -18.89
N PRO F 138 -2.91 -24.47 -17.88
CA PRO F 138 -3.55 -24.85 -16.60
C PRO F 138 -4.04 -23.64 -15.86
N VAL F 139 -5.33 -23.63 -15.56
CA VAL F 139 -5.94 -22.59 -14.74
C VAL F 139 -6.96 -23.20 -13.78
N ASP F 140 -7.03 -22.57 -12.61
CA ASP F 140 -8.15 -22.76 -11.74
C ASP F 140 -9.09 -21.60 -11.95
N VAL F 141 -10.37 -21.91 -11.91
CA VAL F 141 -11.42 -20.94 -12.11
C VAL F 141 -12.02 -20.67 -10.73
N GLN F 142 -11.82 -19.45 -10.23
CA GLN F 142 -12.29 -19.10 -8.89
C GLN F 142 -13.79 -19.37 -8.62
N GLY F 143 -14.63 -19.24 -9.63
CA GLY F 143 -16.05 -19.56 -9.45
C GLY F 143 -16.38 -21.04 -9.36
N ALA F 144 -15.35 -21.89 -9.36
CA ALA F 144 -15.54 -23.33 -9.52
C ALA F 144 -14.93 -24.20 -8.41
N ILE F 145 -14.12 -23.61 -7.53
CA ILE F 145 -13.41 -24.38 -6.51
C ILE F 145 -14.12 -24.38 -5.14
N GLN F 154 -5.43 -13.75 0.72
CA GLN F 154 -5.50 -14.85 -0.24
C GLN F 154 -5.58 -14.33 -1.67
N ILE F 155 -6.65 -14.72 -2.36
CA ILE F 155 -6.89 -14.29 -3.73
C ILE F 155 -8.18 -13.48 -3.75
N GLY F 156 -8.13 -12.29 -4.36
CA GLY F 156 -9.33 -11.44 -4.42
C GLY F 156 -10.47 -12.11 -5.17
N LYS F 157 -11.71 -11.83 -4.79
CA LYS F 157 -12.84 -12.46 -5.48
C LYS F 157 -13.01 -11.93 -6.91
N LEU F 158 -12.30 -10.86 -7.25
CA LEU F 158 -12.37 -10.31 -8.62
C LEU F 158 -11.32 -11.00 -9.57
N VAL F 159 -10.48 -11.85 -9.01
CA VAL F 159 -9.60 -12.65 -9.85
C VAL F 159 -10.44 -13.78 -10.38
N ASP F 160 -10.45 -13.94 -11.70
CA ASP F 160 -11.25 -14.97 -12.36
C ASP F 160 -10.48 -16.25 -12.62
N LEU F 161 -9.22 -16.11 -13.07
CA LEU F 161 -8.39 -17.25 -13.43
C LEU F 161 -7.04 -17.17 -12.77
N VAL F 162 -6.57 -18.31 -12.29
CA VAL F 162 -5.29 -18.41 -11.61
C VAL F 162 -4.47 -19.50 -12.31
N MET F 163 -3.34 -19.11 -12.88
CA MET F 163 -2.47 -20.05 -13.61
C MET F 163 -1.24 -20.27 -12.72
N PRO F 164 -0.92 -21.53 -12.40
CA PRO F 164 -1.55 -22.79 -12.83
C PRO F 164 -2.65 -23.28 -11.93
N GLY F 165 -2.78 -22.72 -10.74
CA GLY F 165 -3.82 -23.20 -9.87
C GLY F 165 -3.72 -22.48 -8.55
N VAL F 166 -4.80 -22.53 -7.79
CA VAL F 166 -4.80 -21.91 -6.44
C VAL F 166 -3.82 -22.57 -5.45
N VAL F 167 -3.65 -23.88 -5.50
CA VAL F 167 -2.73 -24.55 -4.55
C VAL F 167 -1.30 -24.07 -4.76
N GLN F 168 -0.89 -24.06 -6.03
CA GLN F 168 0.45 -23.59 -6.37
C GLN F 168 0.58 -22.12 -6.03
N TYR F 169 -0.42 -21.33 -6.38
CA TYR F 169 -0.38 -19.89 -6.09
C TYR F 169 -0.16 -19.63 -4.59
N THR F 170 -0.88 -20.37 -3.76
CA THR F 170 -0.85 -20.20 -2.30
C THR F 170 0.52 -20.56 -1.76
N SER F 171 1.11 -21.60 -2.33
CA SER F 171 2.48 -21.96 -1.94
C SER F 171 3.46 -20.85 -2.32
N ASN F 172 3.46 -20.45 -3.58
CA ASN F 172 4.35 -19.39 -4.02
C ASN F 172 3.81 -18.80 -5.30
N LYS F 173 3.63 -17.49 -5.28
CA LYS F 173 3.06 -16.77 -6.42
C LYS F 173 4.06 -16.56 -7.55
N ARG F 174 5.32 -16.89 -7.32
CA ARG F 174 6.29 -16.87 -8.40
C ARG F 174 5.83 -17.74 -9.60
N ASN F 175 6.02 -17.21 -10.80
CA ASN F 175 5.69 -17.90 -12.06
C ASN F 175 4.21 -18.20 -12.23
N THR F 176 3.36 -17.43 -11.52
CA THR F 176 1.93 -17.54 -11.72
C THR F 176 1.38 -16.36 -12.53
N MET F 177 0.13 -16.51 -12.95
CA MET F 177 -0.53 -15.40 -13.67
C MET F 177 -1.94 -15.31 -13.14
N LEU F 178 -2.40 -14.09 -12.85
CA LEU F 178 -3.77 -13.85 -12.42
C LEU F 178 -4.45 -12.96 -13.42
N ILE F 179 -5.68 -13.32 -13.73
CA ILE F 179 -6.49 -12.58 -14.70
C ILE F 179 -7.83 -12.18 -14.11
N SER F 180 -8.13 -10.89 -14.21
CA SER F 180 -9.47 -10.32 -13.87
C SER F 180 -10.10 -9.83 -15.18
N ALA F 181 -11.43 -9.68 -15.19
CA ALA F 181 -12.08 -9.26 -16.42
C ALA F 181 -13.22 -8.31 -16.07
N LYS F 182 -13.35 -7.23 -16.84
CA LYS F 182 -14.44 -6.27 -16.74
C LYS F 182 -14.78 -5.88 -18.15
N THR F 183 -16.02 -6.09 -18.58
CA THR F 183 -16.37 -5.80 -19.97
C THR F 183 -16.16 -4.32 -20.29
N THR F 184 -16.61 -3.45 -19.37
CA THR F 184 -16.33 -2.00 -19.41
C THR F 184 -15.74 -1.64 -18.05
N LEU F 185 -15.01 -0.55 -18.01
CA LEU F 185 -14.30 -0.10 -16.80
C LEU F 185 -15.02 0.94 -15.99
N ARG F 186 -15.66 1.91 -16.65
CA ARG F 186 -16.11 3.12 -15.95
C ARG F 186 -15.10 3.54 -14.87
N GLU F 187 -15.57 3.77 -13.65
CA GLU F 187 -14.65 3.96 -12.50
C GLU F 187 -14.33 2.66 -11.72
N ARG F 188 -14.99 1.59 -12.12
CA ARG F 188 -14.88 0.27 -11.47
C ARG F 188 -13.51 -0.37 -11.55
N TRP F 189 -12.65 0.11 -12.43
CA TRP F 189 -11.25 -0.34 -12.44
C TRP F 189 -10.55 -0.08 -11.10
N GLN F 190 -11.03 0.90 -10.35
CA GLN F 190 -10.45 1.24 -9.06
C GLN F 190 -10.51 0.05 -8.10
N GLU F 191 -11.43 -0.89 -8.35
CA GLU F 191 -11.54 -2.09 -7.49
C GLU F 191 -10.30 -2.95 -7.60
N VAL F 192 -9.64 -2.89 -8.76
CA VAL F 192 -8.55 -3.83 -9.05
C VAL F 192 -7.29 -3.51 -8.21
N PRO F 193 -6.80 -2.25 -8.21
CA PRO F 193 -5.67 -1.93 -7.31
C PRO F 193 -6.01 -2.21 -5.85
N GLU F 194 -7.27 -2.01 -5.46
CA GLU F 194 -7.63 -2.31 -4.08
C GLU F 194 -7.36 -3.78 -3.77
N GLU F 195 -7.74 -4.68 -4.67
CA GLU F 195 -7.53 -6.09 -4.44
C GLU F 195 -6.06 -6.49 -4.57
N VAL F 196 -5.35 -5.88 -5.51
CA VAL F 196 -3.91 -6.13 -5.66
C VAL F 196 -3.19 -5.76 -4.39
N ASN F 197 -3.47 -4.56 -3.91
CA ASN F 197 -2.75 -4.09 -2.73
C ASN F 197 -3.14 -4.83 -1.44
N ARG F 198 -4.38 -5.25 -1.34
CA ARG F 198 -4.85 -5.96 -0.16
C ARG F 198 -4.18 -7.31 0.02
N THR F 199 -3.86 -7.98 -1.09
CA THR F 199 -3.39 -9.35 -1.01
C THR F 199 -1.94 -9.49 -1.46
N GLY F 200 -1.32 -8.38 -1.86
CA GLY F 200 0.12 -8.45 -2.24
C GLY F 200 0.34 -9.06 -3.59
N ILE F 201 -0.68 -9.03 -4.43
CA ILE F 201 -0.55 -9.52 -5.79
C ILE F 201 0.62 -8.82 -6.49
N ARG F 202 1.47 -9.59 -7.16
CA ARG F 202 2.63 -9.03 -7.84
C ARG F 202 2.19 -8.19 -9.06
N GLU F 203 1.29 -8.76 -9.85
CA GLU F 203 0.76 -8.10 -11.02
C GLU F 203 -0.53 -8.79 -11.38
N MET F 204 -1.46 -8.05 -11.96
CA MET F 204 -2.71 -8.63 -12.41
C MET F 204 -3.00 -8.16 -13.82
N TYR F 205 -3.50 -9.07 -14.62
CA TYR F 205 -3.93 -8.70 -15.97
C TYR F 205 -5.41 -8.43 -15.87
N LEU F 206 -5.83 -7.30 -16.45
CA LEU F 206 -7.23 -6.85 -16.42
C LEU F 206 -7.76 -6.85 -17.83
N ALA F 207 -8.48 -7.90 -18.16
CA ALA F 207 -9.03 -8.06 -19.51
C ALA F 207 -10.25 -7.18 -19.67
N THR F 208 -10.35 -6.46 -20.80
CA THR F 208 -11.56 -5.60 -21.01
C THR F 208 -11.88 -5.44 -22.47
N LEU F 209 -13.13 -5.08 -22.75
CA LEU F 209 -13.54 -4.72 -24.10
C LEU F 209 -13.71 -3.20 -24.27
N ASP F 210 -13.50 -2.47 -23.18
CA ASP F 210 -13.70 -1.02 -23.11
C ASP F 210 -12.78 -0.30 -24.08
N ASP F 211 -13.33 0.63 -24.84
CA ASP F 211 -12.57 1.44 -25.79
C ASP F 211 -12.29 2.85 -25.34
N SER F 212 -12.58 3.15 -24.07
CA SER F 212 -12.76 4.55 -23.71
C SER F 212 -11.97 5.00 -22.51
N PHE F 213 -11.19 4.10 -21.94
CA PHE F 213 -10.44 4.46 -20.73
C PHE F 213 -9.26 5.39 -21.06
N SER F 214 -8.91 6.24 -20.10
CA SER F 214 -7.94 7.31 -20.30
C SER F 214 -6.51 6.94 -20.01
N GLU F 215 -5.59 7.78 -20.47
CA GLU F 215 -4.17 7.63 -20.12
C GLU F 215 -3.95 7.72 -18.62
N GLU F 216 -4.70 8.61 -17.95
CA GLU F 216 -4.61 8.70 -16.50
C GLU F 216 -4.95 7.37 -15.82
N THR F 217 -6.04 6.74 -16.25
CA THR F 217 -6.40 5.42 -15.75
C THR F 217 -5.26 4.39 -16.03
N ILE F 218 -4.80 4.37 -17.27
CA ILE F 218 -3.69 3.47 -17.60
C ILE F 218 -2.52 3.66 -16.66
N ASN F 219 -2.17 4.93 -16.41
CA ASN F 219 -1.00 5.22 -15.59
C ASN F 219 -1.21 4.86 -14.12
N ILE F 220 -2.40 5.11 -13.61
CA ILE F 220 -2.66 4.71 -12.22
C ILE F 220 -2.64 3.19 -12.10
N LEU F 221 -3.24 2.49 -13.05
CA LEU F 221 -3.19 1.04 -13.06
C LEU F 221 -1.73 0.55 -13.14
N TYR F 222 -0.95 1.19 -14.00
CA TYR F 222 0.46 0.85 -14.20
C TYR F 222 1.24 0.91 -12.90
N GLU F 223 1.01 1.98 -12.14
CA GLU F 223 1.73 2.13 -10.86
C GLU F 223 1.30 1.05 -9.89
N ALA F 224 0.06 0.59 -10.05
CA ALA F 224 -0.51 -0.48 -9.24
C ALA F 224 -0.20 -1.89 -9.74
N ASN F 225 0.63 -1.98 -10.80
CA ASN F 225 0.99 -3.24 -11.43
C ASN F 225 -0.24 -4.02 -11.94
N VAL F 226 -1.17 -3.26 -12.49
CA VAL F 226 -2.32 -3.84 -13.19
C VAL F 226 -2.15 -3.47 -14.65
N VAL F 227 -2.18 -4.45 -15.52
CA VAL F 227 -2.01 -4.19 -16.95
C VAL F 227 -3.29 -4.47 -17.67
N VAL F 228 -3.78 -3.49 -18.44
CA VAL F 228 -5.00 -3.65 -19.22
C VAL F 228 -4.67 -4.44 -20.48
N VAL F 229 -5.55 -5.39 -20.76
CA VAL F 229 -5.43 -6.33 -21.88
C VAL F 229 -6.72 -6.16 -22.67
N THR F 230 -6.63 -5.88 -23.96
CA THR F 230 -7.87 -5.77 -24.76
C THR F 230 -7.62 -6.37 -26.14
N THR F 231 -8.60 -6.26 -27.01
CA THR F 231 -8.45 -6.85 -28.33
C THR F 231 -7.43 -6.10 -29.14
N VAL F 232 -6.99 -6.76 -30.22
CA VAL F 232 -6.05 -6.11 -31.13
C VAL F 232 -6.74 -4.87 -31.70
N GLU F 233 -7.97 -5.03 -32.13
CA GLU F 233 -8.67 -3.92 -32.75
C GLU F 233 -8.72 -2.71 -31.84
N ASN F 234 -9.07 -2.93 -30.59
CA ASN F 234 -9.15 -1.83 -29.65
C ASN F 234 -7.80 -1.20 -29.39
N LYS F 235 -6.76 -2.03 -29.23
CA LYS F 235 -5.44 -1.47 -29.02
C LYS F 235 -5.03 -0.59 -30.18
N ASN F 236 -5.19 -1.09 -31.40
CA ASN F 236 -4.67 -0.38 -32.54
C ASN F 236 -5.44 0.87 -32.89
N PHE F 237 -6.72 0.88 -32.54
CA PHE F 237 -7.55 2.02 -32.83
C PHE F 237 -7.35 3.14 -31.82
N LYS F 238 -7.23 2.77 -30.55
CA LYS F 238 -7.25 3.76 -29.48
C LYS F 238 -5.96 3.88 -28.64
N TYR F 239 -5.14 2.83 -28.64
CA TYR F 239 -3.95 2.75 -27.76
C TYR F 239 -2.73 2.28 -28.53
N LYS F 240 -2.64 2.67 -29.80
CA LYS F 240 -1.67 2.10 -30.71
C LYS F 240 -0.22 2.23 -30.22
N ASN F 241 0.14 3.43 -29.82
CA ASN F 241 1.50 3.72 -29.41
C ASN F 241 1.85 3.03 -28.10
N ASN F 242 0.82 2.78 -27.29
CA ASN F 242 0.96 2.74 -25.84
C ASN F 242 1.41 1.39 -25.34
N ASN F 243 2.68 1.28 -24.96
CA ASN F 243 3.24 -0.01 -24.56
C ASN F 243 2.71 -0.47 -23.22
N ARG F 244 1.88 0.35 -22.58
CA ARG F 244 1.26 -0.07 -21.31
C ARG F 244 -0.05 -0.82 -21.49
N VAL F 245 -0.58 -0.82 -22.71
CA VAL F 245 -1.82 -1.51 -23.00
C VAL F 245 -1.44 -2.73 -23.83
N LEU F 246 -1.91 -3.91 -23.41
CA LEU F 246 -1.53 -5.18 -24.08
C LEU F 246 -2.72 -5.71 -24.82
N THR F 247 -2.46 -6.61 -25.76
CA THR F 247 -3.53 -7.35 -26.44
C THR F 247 -3.70 -8.71 -25.81
N PHE F 248 -4.85 -9.37 -26.04
CA PHE F 248 -4.99 -10.76 -25.61
C PHE F 248 -3.89 -11.65 -26.17
N GLU F 249 -3.42 -11.31 -27.36
CA GLU F 249 -2.31 -12.06 -27.94
C GLU F 249 -1.03 -12.03 -27.07
N ASP F 250 -0.71 -10.84 -26.57
CA ASP F 250 0.43 -10.61 -25.69
C ASP F 250 0.23 -11.44 -24.43
N MET F 251 -0.95 -11.32 -23.84
CA MET F 251 -1.28 -12.04 -22.61
C MET F 251 -1.14 -13.54 -22.77
N LEU F 252 -1.66 -14.10 -23.87
CA LEU F 252 -1.59 -15.55 -24.09
C LEU F 252 -0.15 -16.03 -24.27
N GLN F 253 0.65 -15.23 -24.93
CA GLN F 253 2.05 -15.56 -25.10
C GLN F 253 2.73 -15.63 -23.73
N SER F 254 2.46 -14.65 -22.88
CA SER F 254 3.03 -14.65 -21.53
C SER F 254 2.52 -15.85 -20.73
N ALA F 255 1.23 -16.17 -20.86
CA ALA F 255 0.68 -17.29 -20.10
C ALA F 255 1.31 -18.59 -20.54
N MET F 256 1.51 -18.72 -21.84
CA MET F 256 2.05 -19.95 -22.40
C MET F 256 3.48 -20.10 -21.93
N GLU F 257 4.23 -19.00 -21.93
CA GLU F 257 5.63 -19.07 -21.49
C GLU F 257 5.74 -19.45 -20.03
N LEU F 258 4.88 -18.88 -19.18
CA LEU F 258 4.90 -19.22 -17.75
C LEU F 258 4.41 -20.65 -17.52
N SER F 259 3.42 -21.07 -18.29
CA SER F 259 2.86 -22.41 -18.16
C SER F 259 3.90 -23.52 -18.39
N ARG F 260 4.84 -23.26 -19.30
CA ARG F 260 5.90 -24.25 -19.56
C ARG F 260 6.75 -24.55 -18.33
N LYS F 261 6.81 -23.59 -17.40
CA LYS F 261 7.55 -23.78 -16.15
C LYS F 261 6.84 -24.76 -15.21
N TRP F 262 5.60 -25.07 -15.52
CA TRP F 262 4.79 -25.96 -14.70
C TRP F 262 4.63 -27.34 -15.33
N ASN F 263 5.22 -27.52 -16.51
CA ASN F 263 5.07 -28.74 -17.29
C ASN F 263 5.44 -30.03 -16.58
N ASN F 264 6.72 -30.16 -16.22
CA ASN F 264 7.17 -31.36 -15.50
C ASN F 264 7.66 -31.04 -14.09
N VAL F 265 6.77 -30.49 -13.30
CA VAL F 265 7.04 -30.17 -11.91
C VAL F 265 6.69 -31.40 -11.05
N SER F 266 7.63 -31.80 -10.21
CA SER F 266 7.36 -32.85 -9.24
C SER F 266 6.85 -32.23 -7.94
N TYR F 267 5.66 -32.65 -7.55
CA TYR F 267 5.04 -32.18 -6.33
C TYR F 267 5.22 -33.18 -5.22
N THR F 268 5.31 -32.69 -3.99
CA THR F 268 5.18 -33.52 -2.80
C THR F 268 3.82 -34.21 -2.85
N ASP F 269 3.68 -35.31 -2.12
CA ASP F 269 2.40 -36.02 -2.12
C ASP F 269 1.27 -35.15 -1.56
N SER F 270 1.59 -34.37 -0.53
CA SER F 270 0.67 -33.40 0.06
C SER F 270 0.16 -32.37 -0.96
N GLU F 271 1.08 -31.72 -1.67
CA GLU F 271 0.65 -30.74 -2.68
C GLU F 271 -0.09 -31.43 -3.83
N LYS F 272 0.41 -32.59 -4.24
CA LYS F 272 -0.24 -33.36 -5.31
C LYS F 272 -1.69 -33.69 -4.96
N GLU F 273 -1.95 -34.10 -3.72
CA GLU F 273 -3.33 -34.42 -3.35
C GLU F 273 -4.24 -33.17 -3.23
N GLU F 274 -3.67 -32.03 -2.84
CA GLU F 274 -4.45 -30.79 -2.81
C GLU F 274 -4.81 -30.34 -4.22
N ILE F 275 -3.85 -30.47 -5.13
CA ILE F 275 -4.09 -30.08 -6.51
C ILE F 275 -5.18 -30.98 -7.07
N GLN F 276 -5.03 -32.29 -6.86
CA GLN F 276 -6.02 -33.27 -7.28
C GLN F 276 -7.42 -32.88 -6.78
N GLN F 277 -7.51 -32.52 -5.49
CA GLN F 277 -8.77 -32.09 -4.89
C GLN F 277 -9.38 -30.88 -5.61
N SER F 278 -8.54 -29.88 -5.87
CA SER F 278 -8.96 -28.67 -6.55
C SER F 278 -9.53 -28.95 -7.95
N ILE F 279 -8.84 -29.80 -8.71
CA ILE F 279 -9.29 -30.20 -10.03
C ILE F 279 -10.59 -30.98 -9.96
N LEU F 280 -10.65 -31.99 -9.08
CA LEU F 280 -11.83 -32.84 -8.91
C LEU F 280 -13.04 -32.00 -8.54
N LYS F 281 -12.83 -30.99 -7.71
CA LYS F 281 -13.85 -30.00 -7.36
C LYS F 281 -14.37 -29.25 -8.58
N GLN F 282 -13.46 -28.84 -9.45
CA GLN F 282 -13.85 -28.11 -10.65
C GLN F 282 -14.56 -29.00 -11.66
N ILE F 283 -14.14 -30.26 -11.78
CA ILE F 283 -14.83 -31.20 -12.67
C ILE F 283 -16.30 -31.36 -12.23
N GLU F 284 -16.54 -31.29 -10.92
CA GLU F 284 -17.90 -31.36 -10.37
C GLU F 284 -18.73 -30.20 -10.85
N LYS F 285 -18.16 -29.00 -10.75
CA LYS F 285 -18.81 -27.76 -11.17
C LYS F 285 -19.18 -27.84 -12.64
N TYR F 286 -18.30 -28.44 -13.45
CA TYR F 286 -18.49 -28.49 -14.90
C TYR F 286 -18.91 -29.87 -15.40
N SER F 287 -19.54 -30.63 -14.51
CA SER F 287 -19.92 -32.01 -14.75
C SER F 287 -20.63 -32.21 -16.08
N ASP F 288 -21.38 -31.20 -16.51
CA ASP F 288 -22.30 -31.29 -17.64
C ASP F 288 -21.65 -30.93 -18.97
N PHE F 289 -20.36 -30.60 -18.91
CA PHE F 289 -19.65 -29.98 -20.01
C PHE F 289 -18.41 -30.81 -20.37
N PRO F 290 -18.60 -31.81 -21.25
CA PRO F 290 -17.59 -32.79 -21.64
C PRO F 290 -16.27 -32.14 -21.97
N TYR F 291 -16.29 -31.06 -22.74
CA TYR F 291 -15.02 -30.44 -23.17
C TYR F 291 -14.20 -29.98 -21.96
N VAL F 292 -14.91 -29.43 -20.98
CA VAL F 292 -14.23 -28.88 -19.82
C VAL F 292 -13.78 -30.01 -18.89
N VAL F 293 -14.64 -31.00 -18.71
CA VAL F 293 -14.25 -32.19 -17.94
C VAL F 293 -12.99 -32.82 -18.56
N ASN F 294 -12.96 -32.96 -19.88
CA ASN F 294 -11.80 -33.57 -20.47
C ASN F 294 -10.53 -32.73 -20.25
N TYR F 295 -10.66 -31.41 -20.28
CA TYR F 295 -9.55 -30.51 -20.00
C TYR F 295 -9.00 -30.75 -18.60
N TYR F 296 -9.91 -30.84 -17.62
CA TYR F 296 -9.48 -31.08 -16.26
C TYR F 296 -8.88 -32.47 -16.07
N ARG F 297 -9.46 -33.47 -16.71
CA ARG F 297 -8.93 -34.82 -16.53
C ARG F 297 -7.54 -34.98 -17.15
N ASN F 298 -7.21 -34.20 -18.19
CA ASN F 298 -5.83 -34.15 -18.67
C ASN F 298 -4.88 -33.64 -17.59
N ARG F 299 -5.33 -32.63 -16.85
CA ARG F 299 -4.50 -32.11 -15.77
C ARG F 299 -4.34 -33.10 -14.63
N LEU F 300 -5.43 -33.79 -14.29
CA LEU F 300 -5.44 -34.83 -13.24
C LEU F 300 -4.47 -35.94 -13.66
N SER F 301 -4.59 -36.36 -14.91
CA SER F 301 -3.70 -37.36 -15.50
C SER F 301 -2.22 -36.95 -15.42
N ALA F 302 -1.94 -35.68 -15.67
CA ALA F 302 -0.57 -35.14 -15.57
C ALA F 302 0.07 -35.27 -14.18
N LEU F 303 -0.74 -35.38 -13.12
CA LEU F 303 -0.22 -35.62 -11.76
C LEU F 303 0.28 -37.05 -11.54
N PHE F 304 -0.07 -37.94 -12.47
CA PHE F 304 0.25 -39.36 -12.37
C PHE F 304 1.19 -39.78 -13.49
N ASP F 305 1.51 -38.81 -14.34
CA ASP F 305 2.49 -38.94 -15.39
C ASP F 305 3.86 -38.65 -14.80
N LEU G 4 42.59 -14.61 26.12
CA LEU G 4 43.66 -13.69 25.64
C LEU G 4 43.80 -13.68 24.12
N SER G 5 43.11 -14.58 23.41
CA SER G 5 43.05 -14.42 21.99
C SER G 5 42.02 -13.33 21.76
N PRO G 6 41.82 -12.87 20.56
CA PRO G 6 40.78 -11.86 20.38
C PRO G 6 39.40 -12.44 20.65
N GLY G 7 39.16 -13.65 20.16
CA GLY G 7 37.85 -14.30 20.33
C GLY G 7 37.59 -14.46 21.82
N GLU G 8 38.62 -14.91 22.54
CA GLU G 8 38.52 -15.09 23.96
C GLU G 8 38.21 -13.77 24.66
N PHE G 9 38.84 -12.68 24.20
CA PHE G 9 38.64 -11.35 24.81
C PHE G 9 37.24 -10.86 24.47
N LYS G 10 36.91 -10.92 23.17
CA LYS G 10 35.58 -10.52 22.66
C LYS G 10 34.46 -11.13 23.49
N THR G 11 34.52 -12.45 23.66
CA THR G 11 33.46 -13.13 24.38
C THR G 11 33.50 -12.84 25.88
N LEU G 12 34.70 -12.60 26.42
CA LEU G 12 34.81 -12.21 27.83
C LEU G 12 34.09 -10.90 28.05
N ILE G 13 34.32 -9.92 27.17
CA ILE G 13 33.68 -8.60 27.26
C ILE G 13 32.16 -8.75 27.28
N SER G 14 31.66 -9.42 26.25
CA SER G 14 30.22 -9.61 26.08
C SER G 14 29.66 -10.27 27.34
N LYS G 15 30.48 -11.15 27.91
CA LYS G 15 30.20 -11.86 29.14
C LYS G 15 30.21 -10.99 30.42
N GLU G 16 30.99 -9.91 30.44
CA GLU G 16 31.09 -9.09 31.67
C GLU G 16 30.25 -7.82 31.73
N ARG G 17 29.81 -7.30 30.59
CA ARG G 17 29.25 -5.95 30.59
C ARG G 17 28.08 -5.84 31.58
N LYS G 18 27.24 -6.88 31.56
CA LYS G 18 26.05 -7.01 32.41
C LYS G 18 26.30 -6.54 33.85
N SER G 19 27.35 -7.05 34.47
CA SER G 19 27.60 -6.78 35.88
C SER G 19 28.11 -5.36 36.16
N HIS G 20 28.46 -4.60 35.12
CA HIS G 20 29.11 -3.32 35.33
C HIS G 20 28.33 -2.08 34.91
N PHE G 21 27.11 -2.28 34.46
CA PHE G 21 26.26 -1.16 34.04
C PHE G 21 24.86 -1.40 34.53
N ILE G 22 24.18 -0.33 34.95
CA ILE G 22 22.76 -0.41 35.18
C ILE G 22 22.04 -0.32 33.85
N THR G 23 20.79 -0.78 33.82
CA THR G 23 20.06 -0.87 32.55
C THR G 23 19.74 0.52 32.02
N PRO G 24 19.46 0.62 30.71
CA PRO G 24 19.06 1.91 30.17
C PRO G 24 17.87 2.48 30.95
N PHE G 25 16.86 1.69 31.22
CA PHE G 25 15.70 2.30 31.88
C PHE G 25 16.11 2.73 33.28
N ALA G 26 16.91 1.91 33.94
CA ALA G 26 17.29 2.22 35.31
C ALA G 26 18.07 3.53 35.34
N LEU G 27 18.92 3.74 34.33
CA LEU G 27 19.69 4.99 34.24
C LEU G 27 18.79 6.19 33.99
N VAL G 28 17.85 6.03 33.07
CA VAL G 28 16.88 7.10 32.80
C VAL G 28 16.09 7.42 34.06
N TYR G 29 15.61 6.41 34.77
CA TYR G 29 14.79 6.64 35.96
C TYR G 29 15.59 7.37 37.05
N LYS G 30 16.83 6.96 37.24
CA LYS G 30 17.70 7.61 38.21
C LYS G 30 17.87 9.10 37.86
N THR G 31 18.07 9.39 36.56
CA THR G 31 18.30 10.76 36.08
C THR G 31 17.03 11.58 36.25
N PHE G 32 15.91 10.97 35.93
CA PHE G 32 14.58 11.61 36.08
C PHE G 32 14.41 12.10 37.51
N CYS G 33 14.69 11.21 38.46
CA CYS G 33 14.59 11.55 39.88
C CYS G 33 15.65 12.56 40.33
N ASP G 34 16.87 12.39 39.81
CA ASP G 34 17.99 13.29 40.15
C ASP G 34 17.72 14.72 39.73
N LEU G 35 17.12 14.89 38.55
CA LEU G 35 16.77 16.23 38.08
C LEU G 35 15.48 16.77 38.69
N GLY G 36 14.80 15.97 39.51
CA GLY G 36 13.61 16.44 40.21
C GLY G 36 12.32 16.40 39.43
N TYR G 37 12.36 15.71 38.29
CA TYR G 37 11.17 15.59 37.46
C TYR G 37 10.10 14.76 38.13
N ASP G 38 10.49 13.97 39.12
CA ASP G 38 9.50 13.23 39.86
C ASP G 38 8.66 14.11 40.80
N GLN G 39 9.00 15.38 40.89
CA GLN G 39 8.22 16.30 41.72
C GLN G 39 7.43 17.32 40.91
N LYS G 40 7.55 17.26 39.58
CA LYS G 40 6.89 18.21 38.68
C LYS G 40 5.44 17.81 38.41
N ASN G 41 4.55 18.81 38.34
CA ASN G 41 3.17 18.54 37.98
C ASN G 41 3.01 18.25 36.51
N SER G 42 1.82 17.80 36.14
CA SER G 42 1.60 17.33 34.77
C SER G 42 1.77 18.47 33.75
N ASP G 43 1.39 19.69 34.13
CA ASP G 43 1.54 20.86 33.25
C ASP G 43 2.99 21.12 32.88
N TYR G 44 3.91 20.84 33.79
CA TYR G 44 5.33 21.00 33.45
C TYR G 44 5.68 20.21 32.20
N PHE G 45 5.24 18.97 32.16
CA PHE G 45 5.60 18.05 31.09
C PHE G 45 4.84 18.41 29.82
N LEU G 46 3.61 18.86 29.99
CA LEU G 46 2.83 19.28 28.84
C LEU G 46 3.49 20.46 28.12
N ASN G 47 4.08 21.36 28.89
CA ASN G 47 4.54 22.66 28.38
C ASN G 47 6.03 22.75 28.12
N ASN G 48 6.79 21.80 28.66
CA ASN G 48 8.22 21.87 28.52
C ASN G 48 8.85 20.58 28.05
N PRO G 49 8.20 19.84 27.11
CA PRO G 49 8.80 18.55 26.77
C PRO G 49 10.16 18.63 26.10
N SER G 50 10.39 19.63 25.25
CA SER G 50 11.70 19.77 24.57
C SER G 50 12.82 20.01 25.58
N GLU G 51 12.61 20.96 26.46
CA GLU G 51 13.56 21.22 27.53
C GLU G 51 13.86 19.98 28.37
N TYR G 52 12.80 19.27 28.76
CA TYR G 52 12.92 18.03 29.51
C TYR G 52 13.77 16.99 28.76
N ILE G 53 13.45 16.77 27.49
CA ILE G 53 14.17 15.77 26.73
C ILE G 53 15.69 16.08 26.65
N ILE G 54 15.99 17.35 26.38
CA ILE G 54 17.36 17.84 26.25
C ILE G 54 18.15 17.65 27.55
N ALA G 55 17.51 17.99 28.66
CA ALA G 55 18.15 17.88 29.98
C ALA G 55 18.34 16.42 30.33
N MET G 56 17.35 15.59 29.99
CA MET G 56 17.48 14.16 30.28
C MET G 56 18.64 13.55 29.50
N ARG G 57 18.67 13.85 28.22
CA ARG G 57 19.75 13.35 27.35
C ARG G 57 21.12 13.76 27.90
N LYS G 58 21.25 15.05 28.18
CA LYS G 58 22.49 15.62 28.68
C LYS G 58 22.98 14.88 29.93
N ASN G 59 22.07 14.76 30.90
CA ASN G 59 22.40 14.20 32.19
C ASN G 59 22.58 12.68 32.22
N CYS G 60 21.87 11.95 31.36
CA CYS G 60 22.09 10.51 31.23
C CYS G 60 23.49 10.29 30.70
N TRP G 61 23.93 11.09 29.73
CA TRP G 61 25.27 10.90 29.17
C TRP G 61 26.32 11.21 30.22
N LYS G 62 26.09 12.27 30.99
CA LYS G 62 27.06 12.72 32.01
C LYS G 62 27.30 11.63 33.03
N GLU G 63 26.23 10.92 33.38
CA GLU G 63 26.29 9.83 34.32
C GLU G 63 27.01 8.63 33.72
N PHE G 64 26.53 8.20 32.56
CA PHE G 64 27.04 7.02 31.88
C PHE G 64 28.51 7.09 31.47
N GLU G 65 28.93 8.22 30.87
CA GLU G 65 30.20 8.31 30.15
C GLU G 65 31.47 8.23 31.00
N PRO G 66 31.69 9.18 31.94
CA PRO G 66 32.84 8.99 32.83
C PRO G 66 32.96 7.53 33.29
N PHE G 67 31.84 6.91 33.65
CA PHE G 67 31.82 5.48 34.00
C PHE G 67 32.35 4.60 32.86
N GLU G 68 31.78 4.72 31.67
CA GLU G 68 32.14 3.81 30.56
C GLU G 68 33.65 3.85 30.32
N LYS G 69 34.19 5.06 30.38
CA LYS G 69 35.57 5.43 30.07
C LYS G 69 36.56 4.79 31.03
N GLU G 70 36.17 4.70 32.29
CA GLU G 70 37.01 4.00 33.26
C GLU G 70 36.88 2.47 33.13
N PHE G 71 35.73 2.01 32.65
CA PHE G 71 35.46 0.55 32.49
C PHE G 71 36.11 -0.10 31.25
N THR G 72 36.39 0.77 30.28
CA THR G 72 37.23 0.46 29.15
C THR G 72 38.67 0.27 29.63
N THR G 73 39.20 1.31 30.28
CA THR G 73 40.54 1.25 30.90
C THR G 73 40.69 -0.05 31.70
N ARG G 74 39.64 -0.40 32.43
CA ARG G 74 39.55 -1.69 33.10
C ARG G 74 39.85 -2.83 32.17
N MET G 75 38.90 -3.16 31.27
CA MET G 75 38.97 -4.32 30.38
C MET G 75 40.31 -4.47 29.74
N LEU G 76 40.91 -3.33 29.42
CA LEU G 76 42.23 -3.29 28.84
C LEU G 76 43.29 -3.89 29.78
N SER G 77 43.00 -3.90 31.08
CA SER G 77 43.96 -4.42 32.09
C SER G 77 44.18 -5.92 31.94
N TYR G 78 43.14 -6.59 31.46
CA TYR G 78 43.15 -8.02 31.15
C TYR G 78 44.18 -8.38 30.11
N LEU G 79 44.69 -7.41 29.39
CA LEU G 79 45.65 -7.75 28.36
C LEU G 79 47.10 -7.33 28.63
N ILE G 80 47.34 -6.52 29.64
CA ILE G 80 48.72 -6.17 30.02
C ILE G 80 49.40 -7.41 30.60
N ASP G 81 50.52 -7.76 29.99
CA ASP G 81 51.22 -9.00 30.31
C ASP G 81 52.56 -8.70 30.98
N GLU G 82 52.58 -8.71 32.31
CA GLU G 82 53.77 -8.35 33.09
C GLU G 82 55.02 -9.13 32.66
N GLU G 83 54.89 -10.45 32.52
CA GLU G 83 56.03 -11.32 32.18
C GLU G 83 56.60 -11.08 30.79
N ARG G 84 55.73 -10.67 29.88
CA ARG G 84 56.10 -10.38 28.50
C ARG G 84 56.88 -9.08 28.39
N ILE G 85 56.44 -8.06 29.15
CA ILE G 85 56.92 -6.69 28.98
C ILE G 85 58.03 -6.33 29.95
N LYS G 86 58.29 -7.20 30.92
CA LYS G 86 59.08 -6.87 32.12
C LYS G 86 60.49 -6.27 31.87
N ASP G 87 61.14 -6.70 30.80
CA ASP G 87 62.47 -6.20 30.46
C ASP G 87 62.47 -5.07 29.45
N MET G 88 61.30 -4.74 28.90
CA MET G 88 61.21 -3.75 27.84
C MET G 88 61.28 -2.33 28.37
N SER G 89 61.77 -1.44 27.51
CA SER G 89 61.62 0.01 27.69
C SER G 89 60.14 0.39 27.72
N PRO G 90 59.78 1.46 28.47
CA PRO G 90 58.38 1.90 28.43
C PRO G 90 57.88 2.16 27.02
N TYR G 91 58.69 2.79 26.17
CA TYR G 91 58.28 3.06 24.80
C TYR G 91 58.02 1.76 24.05
N ASP G 92 58.97 0.83 24.17
CA ASP G 92 58.83 -0.46 23.52
C ASP G 92 57.64 -1.27 24.02
N ALA G 93 57.34 -1.14 25.32
CA ALA G 93 56.16 -1.77 25.90
C ALA G 93 54.87 -1.22 25.28
N ILE G 94 54.75 0.10 25.20
CA ILE G 94 53.54 0.69 24.55
C ILE G 94 53.49 0.32 23.08
N ARG G 95 54.64 0.43 22.40
CA ARG G 95 54.68 0.00 20.99
C ARG G 95 54.18 -1.44 20.84
N ASP G 96 54.65 -2.32 21.72
CA ASP G 96 54.29 -3.74 21.71
C ASP G 96 52.79 -3.94 21.98
N PHE G 97 52.27 -3.23 22.98
CA PHE G 97 50.85 -3.27 23.29
C PHE G 97 50.02 -2.91 22.06
N THR G 98 50.40 -1.85 21.36
CA THR G 98 49.66 -1.41 20.17
C THR G 98 49.85 -2.35 18.97
N MET G 99 50.87 -3.20 19.03
CA MET G 99 51.09 -4.20 17.96
C MET G 99 50.49 -5.58 18.24
N GLU G 100 50.49 -6.00 19.50
CA GLU G 100 50.01 -7.32 19.90
C GLU G 100 48.52 -7.44 20.08
N TYR G 101 47.86 -6.33 20.42
CA TYR G 101 46.43 -6.33 20.78
C TYR G 101 45.51 -5.42 19.97
N PRO G 102 45.90 -5.02 18.73
CA PRO G 102 45.04 -4.09 18.01
C PRO G 102 43.64 -4.64 17.78
N THR G 103 43.49 -5.97 17.63
CA THR G 103 42.14 -6.55 17.41
C THR G 103 41.37 -6.66 18.74
N HIS G 104 42.08 -6.99 19.83
CA HIS G 104 41.45 -7.05 21.15
C HIS G 104 40.92 -5.68 21.46
N ILE G 105 41.77 -4.67 21.24
CA ILE G 105 41.39 -3.26 21.47
C ILE G 105 40.21 -2.88 20.59
N TYR G 106 40.30 -3.19 19.31
CA TYR G 106 39.19 -2.97 18.40
C TYR G 106 37.91 -3.61 18.91
N ASP G 107 38.01 -4.85 19.36
CA ASP G 107 36.83 -5.58 19.81
C ASP G 107 36.16 -4.97 21.02
N LEU G 108 36.97 -4.47 21.95
CA LEU G 108 36.42 -3.74 23.10
C LEU G 108 35.67 -2.47 22.65
N ALA G 109 36.25 -1.71 21.74
CA ALA G 109 35.63 -0.48 21.29
C ALA G 109 34.35 -0.80 20.49
N LEU G 110 34.42 -1.89 19.72
CA LEU G 110 33.27 -2.35 18.92
C LEU G 110 32.14 -2.71 19.88
N SER G 111 32.45 -3.50 20.91
CA SER G 111 31.44 -3.80 21.94
C SER G 111 30.84 -2.53 22.52
N ASN G 112 31.71 -1.58 22.88
CA ASN G 112 31.28 -0.30 23.44
C ASN G 112 30.35 0.48 22.51
N THR G 113 30.71 0.58 21.22
CA THR G 113 29.78 1.33 20.36
C THR G 113 28.45 0.60 20.13
N GLN G 114 28.48 -0.73 20.05
CA GLN G 114 27.25 -1.52 19.83
C GLN G 114 26.34 -1.37 21.04
N SER G 115 26.97 -1.37 22.20
CA SER G 115 26.24 -1.08 23.42
C SER G 115 25.67 0.35 23.46
N ARG G 116 26.48 1.34 23.10
CA ARG G 116 25.96 2.71 23.00
C ARG G 116 24.77 2.86 22.09
N ARG G 117 24.85 2.22 20.92
CA ARG G 117 23.74 2.34 19.97
C ARG G 117 22.46 1.77 20.54
N SER G 118 22.53 0.56 21.10
CA SER G 118 21.33 -0.08 21.61
C SER G 118 20.81 0.70 22.80
N ARG G 119 21.72 1.08 23.69
CA ARG G 119 21.34 1.87 24.86
C ARG G 119 20.77 3.24 24.51
N ALA G 120 21.36 3.91 23.52
CA ALA G 120 20.85 5.25 23.16
C ALA G 120 19.37 5.17 22.75
N GLY G 121 19.01 4.12 22.00
CA GLY G 121 17.65 3.95 21.56
C GLY G 121 16.77 3.66 22.76
N LYS G 122 17.18 2.71 23.59
CA LYS G 122 16.35 2.34 24.74
C LYS G 122 16.19 3.51 25.71
N GLU G 123 17.25 4.27 25.88
CA GLU G 123 17.20 5.45 26.76
C GLU G 123 16.27 6.54 26.24
N PHE G 124 16.33 6.79 24.93
CA PHE G 124 15.45 7.79 24.36
C PHE G 124 14.00 7.34 24.51
N GLU G 125 13.73 6.07 24.21
CA GLU G 125 12.38 5.53 24.39
C GLU G 125 11.92 5.68 25.85
N SER G 126 12.83 5.43 26.79
CA SER G 126 12.51 5.53 28.25
C SER G 126 12.27 6.95 28.69
N ILE G 127 13.02 7.91 28.13
CA ILE G 127 12.83 9.34 28.40
C ILE G 127 11.43 9.75 27.93
N LEU G 128 11.05 9.30 26.74
CA LEU G 128 9.72 9.62 26.20
C LEU G 128 8.59 8.99 27.00
N GLU G 129 8.80 7.75 27.44
CA GLU G 129 7.85 7.04 28.31
C GLU G 129 7.61 7.84 29.62
N LEU G 130 8.70 8.24 30.27
CA LEU G 130 8.54 9.01 31.51
C LEU G 130 7.91 10.39 31.29
N LEU G 131 8.13 10.96 30.10
CA LEU G 131 7.51 12.23 29.74
C LEU G 131 5.99 12.06 29.72
N MET G 132 5.52 10.97 29.12
CA MET G 132 4.06 10.77 29.01
C MET G 132 3.48 10.49 30.37
N MET G 133 4.24 9.74 31.17
CA MET G 133 3.80 9.43 32.53
C MET G 133 3.77 10.70 33.37
N GLY G 134 4.79 11.54 33.22
CA GLY G 134 4.83 12.83 33.92
C GLY G 134 3.62 13.70 33.58
N ALA G 135 3.28 13.73 32.30
CA ALA G 135 2.13 14.48 31.81
C ALA G 135 0.79 13.85 32.20
N GLY G 136 0.81 12.62 32.73
CA GLY G 136 -0.41 11.94 33.17
C GLY G 136 -1.19 11.28 32.06
N ILE G 137 -0.57 11.17 30.90
CA ILE G 137 -1.27 10.67 29.71
C ILE G 137 -1.21 9.14 29.71
N PRO G 138 -2.37 8.46 29.48
CA PRO G 138 -2.36 7.00 29.49
C PRO G 138 -1.66 6.42 28.29
N VAL G 139 -0.66 5.61 28.54
CA VAL G 139 0.05 4.89 27.48
C VAL G 139 0.34 3.48 27.93
N ASP G 140 0.25 2.55 26.98
CA ASP G 140 0.87 1.25 27.14
C ASP G 140 2.27 1.29 26.54
N VAL G 141 3.18 0.60 27.20
CA VAL G 141 4.56 0.56 26.77
C VAL G 141 4.80 -0.82 26.17
N GLN G 142 4.92 -0.89 24.85
CA GLN G 142 4.97 -2.19 24.18
C GLN G 142 6.08 -3.12 24.73
N GLY G 143 7.23 -2.54 25.08
CA GLY G 143 8.29 -3.33 25.70
C GLY G 143 7.92 -3.99 27.02
N ALA G 144 6.80 -3.56 27.60
CA ALA G 144 6.44 -3.92 28.96
C ALA G 144 5.29 -4.92 29.09
N ILE G 145 4.54 -5.12 28.02
CA ILE G 145 3.34 -5.98 28.11
C ILE G 145 3.64 -7.44 27.79
N GLN G 154 -2.57 -4.91 13.58
CA GLN G 154 -1.45 -5.28 14.45
C GLN G 154 -0.59 -4.07 14.81
N ILE G 155 0.42 -4.31 15.64
CA ILE G 155 1.34 -3.25 16.07
C ILE G 155 2.76 -3.77 15.97
N GLY G 156 3.58 -3.11 15.14
CA GLY G 156 4.98 -3.50 14.99
C GLY G 156 5.83 -3.16 16.21
N LYS G 157 6.98 -3.83 16.36
CA LYS G 157 7.84 -3.61 17.53
C LYS G 157 8.42 -2.19 17.61
N LEU G 158 8.46 -1.51 16.46
CA LEU G 158 8.99 -0.14 16.42
C LEU G 158 8.06 0.90 17.10
N VAL G 159 6.80 0.53 17.34
CA VAL G 159 5.94 1.42 18.13
C VAL G 159 6.32 1.26 19.60
N ASP G 160 6.71 2.36 20.22
CA ASP G 160 7.08 2.37 21.62
C ASP G 160 5.92 2.61 22.57
N LEU G 161 5.06 3.54 22.20
CA LEU G 161 3.98 3.94 23.08
C LEU G 161 2.67 3.95 22.34
N VAL G 162 1.64 3.45 23.01
CA VAL G 162 0.29 3.36 22.45
C VAL G 162 -0.63 4.07 23.42
N MET G 163 -1.28 5.12 22.94
CA MET G 163 -2.14 5.96 23.77
C MET G 163 -3.54 5.69 23.28
N PRO G 164 -4.46 5.27 24.18
CA PRO G 164 -4.32 5.07 25.62
C PRO G 164 -3.85 3.68 26.05
N GLY G 165 -3.81 2.74 25.12
CA GLY G 165 -3.51 1.36 25.45
C GLY G 165 -3.70 0.42 24.29
N VAL G 166 -3.02 -0.72 24.36
CA VAL G 166 -3.12 -1.76 23.31
C VAL G 166 -4.50 -2.39 23.21
N VAL G 167 -5.17 -2.62 24.36
CA VAL G 167 -6.51 -3.19 24.34
C VAL G 167 -7.46 -2.28 23.59
N GLN G 168 -7.40 -0.98 23.91
CA GLN G 168 -8.28 -0.02 23.27
C GLN G 168 -7.95 0.05 21.77
N TYR G 169 -6.68 0.14 21.48
CA TYR G 169 -6.24 0.24 20.09
C TYR G 169 -6.75 -0.96 19.30
N THR G 170 -6.66 -2.16 19.89
CA THR G 170 -7.08 -3.39 19.23
C THR G 170 -8.56 -3.36 18.90
N SER G 171 -9.36 -2.84 19.82
CA SER G 171 -10.81 -2.72 19.59
C SER G 171 -11.05 -1.77 18.44
N ASN G 172 -10.44 -0.59 18.54
CA ASN G 172 -10.62 0.42 17.50
C ASN G 172 -9.55 1.46 17.61
N LYS G 173 -8.82 1.67 16.51
CA LYS G 173 -7.71 2.62 16.50
C LYS G 173 -8.15 4.10 16.50
N ARG G 174 -9.45 4.34 16.40
CA ARG G 174 -9.97 5.72 16.48
C ARG G 174 -9.53 6.40 17.78
N ASN G 175 -9.13 7.67 17.71
CA ASN G 175 -8.73 8.47 18.89
C ASN G 175 -7.52 7.95 19.66
N THR G 176 -6.70 7.16 18.97
CA THR G 176 -5.44 6.68 19.58
C THR G 176 -4.26 7.46 19.01
N MET G 177 -3.11 7.31 19.66
CA MET G 177 -1.88 7.87 19.15
C MET G 177 -0.79 6.83 19.31
N LEU G 178 -0.01 6.66 18.24
CA LEU G 178 1.15 5.75 18.27
C LEU G 178 2.41 6.56 18.13
N ILE G 179 3.43 6.21 18.91
CA ILE G 179 4.67 6.98 18.88
C ILE G 179 5.82 5.99 18.70
N SER G 180 6.67 6.26 17.72
CA SER G 180 7.91 5.56 17.47
C SER G 180 9.05 6.57 17.73
N ALA G 181 10.26 6.06 18.02
CA ALA G 181 11.36 6.97 18.32
C ALA G 181 12.62 6.44 17.67
N LYS G 182 13.38 7.36 17.08
CA LYS G 182 14.71 7.08 16.54
C LYS G 182 15.57 8.27 16.85
N THR G 183 16.68 8.03 17.55
CA THR G 183 17.52 9.16 17.96
C THR G 183 18.04 9.91 16.74
N THR G 184 18.52 9.14 15.75
CA THR G 184 18.94 9.69 14.45
C THR G 184 18.23 8.86 13.43
N LEU G 185 18.02 9.45 12.26
CA LEU G 185 17.24 8.77 11.22
C LEU G 185 18.08 8.06 10.15
N ARG G 186 19.13 8.69 9.68
CA ARG G 186 19.89 8.16 8.51
C ARG G 186 18.89 7.76 7.44
N GLU G 187 19.00 6.53 6.91
CA GLU G 187 17.99 6.00 5.99
C GLU G 187 16.92 5.14 6.68
N ARG G 188 17.13 4.90 7.97
CA ARG G 188 16.33 3.98 8.77
C ARG G 188 14.90 4.47 8.99
N TRP G 189 14.63 5.74 8.69
CA TRP G 189 13.23 6.23 8.72
C TRP G 189 12.38 5.42 7.72
N GLN G 190 13.01 4.81 6.72
CA GLN G 190 12.27 4.02 5.71
C GLN G 190 11.54 2.83 6.37
N GLU G 191 12.02 2.38 7.53
CA GLU G 191 11.39 1.30 8.25
C GLU G 191 9.96 1.68 8.72
N VAL G 192 9.76 2.98 8.92
CA VAL G 192 8.51 3.44 9.56
C VAL G 192 7.30 3.34 8.61
N PRO G 193 7.41 3.90 7.36
CA PRO G 193 6.29 3.62 6.44
C PRO G 193 6.06 2.15 6.18
N GLU G 194 7.10 1.32 6.20
CA GLU G 194 6.89 -0.09 6.03
C GLU G 194 5.96 -0.63 7.12
N GLU G 195 6.19 -0.23 8.36
CA GLU G 195 5.38 -0.75 9.45
C GLU G 195 3.96 -0.17 9.44
N VAL G 196 3.87 1.11 9.11
CA VAL G 196 2.56 1.79 9.02
C VAL G 196 1.72 1.11 7.97
N ASN G 197 2.31 0.91 6.80
CA ASN G 197 1.55 0.28 5.72
C ASN G 197 1.18 -1.19 5.99
N ARG G 198 2.07 -1.92 6.67
CA ARG G 198 1.88 -3.33 6.94
C ARG G 198 0.68 -3.59 7.85
N THR G 199 0.49 -2.68 8.81
CA THR G 199 -0.53 -2.87 9.84
C THR G 199 -1.74 -1.97 9.70
N GLY G 200 -1.74 -1.12 8.67
CA GLY G 200 -2.89 -0.18 8.49
C GLY G 200 -2.98 0.94 9.52
N ILE G 201 -1.85 1.27 10.15
CA ILE G 201 -1.79 2.42 11.04
C ILE G 201 -2.25 3.69 10.36
N ARG G 202 -3.09 4.47 11.06
CA ARG G 202 -3.61 5.69 10.47
C ARG G 202 -2.55 6.76 10.34
N GLU G 203 -1.78 6.95 11.41
CA GLU G 203 -0.73 7.95 11.45
C GLU G 203 0.24 7.54 12.55
N MET G 204 1.52 7.80 12.35
CA MET G 204 2.50 7.47 13.37
C MET G 204 3.31 8.72 13.62
N TYR G 205 3.59 8.99 14.90
CA TYR G 205 4.44 10.11 15.26
C TYR G 205 5.83 9.53 15.40
N LEU G 206 6.78 10.15 14.73
CA LEU G 206 8.17 9.67 14.82
C LEU G 206 9.03 10.67 15.52
N ALA G 207 9.34 10.36 16.77
CA ALA G 207 10.13 11.28 17.61
C ALA G 207 11.60 11.11 17.27
N THR G 208 12.30 12.24 17.07
CA THR G 208 13.74 12.15 16.77
C THR G 208 14.52 13.34 17.31
N LEU G 209 15.84 13.16 17.45
CA LEU G 209 16.71 14.27 17.80
C LEU G 209 17.57 14.71 16.60
N ASP G 210 17.36 14.02 15.49
CA ASP G 210 18.14 14.24 14.26
C ASP G 210 18.01 15.69 13.79
N ASP G 211 19.13 16.30 13.39
CA ASP G 211 19.14 17.68 12.90
C ASP G 211 19.38 17.80 11.41
N SER G 212 19.39 16.67 10.72
CA SER G 212 19.94 16.65 9.39
C SER G 212 19.01 16.15 8.31
N PHE G 213 17.81 15.71 8.67
CA PHE G 213 16.94 15.06 7.69
C PHE G 213 16.43 16.06 6.64
N SER G 214 16.21 15.57 5.43
CA SER G 214 15.89 16.42 4.29
C SER G 214 14.42 16.68 4.10
N GLU G 215 14.11 17.68 3.25
CA GLU G 215 12.72 17.95 2.87
C GLU G 215 12.12 16.76 2.12
N GLU G 216 12.93 16.09 1.30
CA GLU G 216 12.46 14.90 0.58
C GLU G 216 12.01 13.84 1.59
N THR G 217 12.80 13.64 2.64
CA THR G 217 12.46 12.69 3.69
C THR G 217 11.15 13.08 4.39
N ILE G 218 11.03 14.36 4.70
CA ILE G 218 9.83 14.90 5.35
C ILE G 218 8.59 14.62 4.49
N ASN G 219 8.74 14.88 3.20
CA ASN G 219 7.62 14.69 2.29
C ASN G 219 7.26 13.23 2.10
N ILE G 220 8.26 12.35 1.99
CA ILE G 220 7.95 10.94 1.80
C ILE G 220 7.22 10.43 3.04
N LEU G 221 7.74 10.79 4.20
CA LEU G 221 7.09 10.42 5.45
C LEU G 221 5.68 11.00 5.51
N TYR G 222 5.53 12.25 5.09
CA TYR G 222 4.20 12.90 5.10
C TYR G 222 3.17 12.13 4.26
N GLU G 223 3.54 11.71 3.06
CA GLU G 223 2.61 10.91 2.25
C GLU G 223 2.26 9.57 2.91
N ALA G 224 3.18 9.08 3.75
CA ALA G 224 2.98 7.82 4.42
C ALA G 224 2.28 7.99 5.78
N ASN G 225 1.84 9.22 6.06
CA ASN G 225 1.19 9.55 7.32
C ASN G 225 2.08 9.31 8.55
N VAL G 226 3.36 9.58 8.37
CA VAL G 226 4.34 9.61 9.47
C VAL G 226 4.74 11.06 9.66
N VAL G 227 4.59 11.58 10.89
CA VAL G 227 4.94 12.96 11.15
C VAL G 227 6.16 12.97 12.05
N VAL G 228 7.16 13.75 11.66
CA VAL G 228 8.40 13.84 12.42
C VAL G 228 8.16 14.84 13.55
N VAL G 229 8.62 14.47 14.75
CA VAL G 229 8.44 15.29 15.95
C VAL G 229 9.81 15.48 16.54
N THR G 230 10.19 16.72 16.77
CA THR G 230 11.54 16.97 17.32
C THR G 230 11.47 18.10 18.34
N THR G 231 12.59 18.50 18.89
CA THR G 231 12.57 19.62 19.82
C THR G 231 12.29 20.93 19.11
N VAL G 232 11.81 21.90 19.87
CA VAL G 232 11.57 23.23 19.32
C VAL G 232 12.88 23.85 18.80
N GLU G 233 13.95 23.66 19.57
CA GLU G 233 15.32 24.03 19.27
C GLU G 233 15.69 23.56 17.86
N ASN G 234 15.45 22.28 17.60
CA ASN G 234 15.85 21.65 16.35
C ASN G 234 14.94 22.13 15.22
N LYS G 235 13.64 22.14 15.49
CA LYS G 235 12.70 22.64 14.48
C LYS G 235 13.04 24.06 14.05
N ASN G 236 13.28 24.94 15.03
CA ASN G 236 13.53 26.35 14.74
C ASN G 236 14.85 26.61 14.03
N PHE G 237 15.83 25.75 14.27
CA PHE G 237 17.16 25.92 13.69
C PHE G 237 17.15 25.50 12.24
N LYS G 238 16.47 24.41 11.92
CA LYS G 238 16.54 23.83 10.57
C LYS G 238 15.22 23.73 9.79
N TYR G 239 14.07 23.85 10.48
CA TYR G 239 12.76 23.59 9.88
C TYR G 239 11.68 24.61 10.34
N LYS G 240 12.09 25.84 10.63
CA LYS G 240 11.22 26.84 11.25
C LYS G 240 9.92 27.09 10.47
N ASN G 241 10.09 27.17 9.15
CA ASN G 241 9.02 27.39 8.19
C ASN G 241 7.99 26.27 8.15
N ASN G 242 8.48 25.05 8.39
CA ASN G 242 7.89 23.85 7.83
C ASN G 242 6.80 23.24 8.71
N ASN G 243 5.55 23.41 8.29
CA ASN G 243 4.43 22.90 9.08
C ASN G 243 4.30 21.38 9.10
N ARG G 244 5.14 20.69 8.35
CA ARG G 244 5.17 19.24 8.40
C ARG G 244 6.06 18.69 9.50
N VAL G 245 6.86 19.54 10.13
CA VAL G 245 7.72 19.08 11.22
C VAL G 245 7.12 19.61 12.48
N LEU G 246 6.77 18.71 13.39
CA LEU G 246 6.16 19.08 14.67
C LEU G 246 7.16 19.15 15.78
N THR G 247 6.78 19.80 16.86
CA THR G 247 7.60 19.81 18.07
C THR G 247 7.03 18.86 19.11
N PHE G 248 7.84 18.48 20.08
CA PHE G 248 7.32 17.67 21.16
C PHE G 248 6.15 18.39 21.82
N GLU G 249 6.23 19.71 21.88
CA GLU G 249 5.18 20.55 22.44
C GLU G 249 3.88 20.29 21.71
N ASP G 250 3.96 20.28 20.39
CA ASP G 250 2.81 20.00 19.52
C ASP G 250 2.23 18.63 19.81
N MET G 251 3.12 17.63 19.88
CA MET G 251 2.74 16.24 20.07
C MET G 251 2.04 16.06 21.41
N LEU G 252 2.63 16.64 22.47
CA LEU G 252 2.01 16.56 23.79
C LEU G 252 0.62 17.19 23.83
N GLN G 253 0.44 18.33 23.17
CA GLN G 253 -0.89 18.95 23.14
C GLN G 253 -1.89 18.02 22.46
N SER G 254 -1.50 17.41 21.33
CA SER G 254 -2.42 16.48 20.66
C SER G 254 -2.74 15.26 21.53
N ALA G 255 -1.71 14.73 22.20
CA ALA G 255 -1.85 13.58 23.03
C ALA G 255 -2.80 13.91 24.18
N MET G 256 -2.64 15.11 24.74
CA MET G 256 -3.46 15.53 25.86
C MET G 256 -4.90 15.69 25.41
N GLU G 257 -5.11 16.34 24.27
CA GLU G 257 -6.47 16.50 23.74
C GLU G 257 -7.12 15.15 23.48
N LEU G 258 -6.36 14.25 22.87
CA LEU G 258 -6.86 12.92 22.54
C LEU G 258 -7.20 12.13 23.78
N SER G 259 -6.37 12.28 24.82
CA SER G 259 -6.58 11.55 26.07
C SER G 259 -7.89 11.93 26.76
N ARG G 260 -8.25 13.21 26.71
CA ARG G 260 -9.50 13.68 27.32
C ARG G 260 -10.69 12.93 26.73
N LYS G 261 -10.55 12.43 25.51
CA LYS G 261 -11.64 11.68 24.87
C LYS G 261 -11.81 10.30 25.49
N TRP G 262 -10.87 9.93 26.36
CA TRP G 262 -10.88 8.62 26.98
C TRP G 262 -11.24 8.62 28.46
N ASN G 263 -10.96 9.71 29.15
CA ASN G 263 -11.14 9.73 30.60
C ASN G 263 -12.60 9.58 31.04
N ASN G 264 -13.51 9.99 30.17
CA ASN G 264 -14.94 9.78 30.40
C ASN G 264 -15.52 8.69 29.50
N VAL G 265 -14.87 7.52 29.48
CA VAL G 265 -15.33 6.40 28.65
C VAL G 265 -15.94 5.27 29.48
N SER G 266 -16.99 4.67 28.92
CA SER G 266 -17.62 3.51 29.53
C SER G 266 -17.14 2.26 28.80
N TYR G 267 -16.51 1.36 29.54
CA TYR G 267 -16.03 0.11 29.01
C TYR G 267 -16.93 -1.04 29.44
N THR G 268 -17.02 -2.07 28.60
CA THR G 268 -17.64 -3.33 29.02
C THR G 268 -16.76 -3.94 30.11
N ASP G 269 -17.33 -4.90 30.85
CA ASP G 269 -16.57 -5.59 31.88
C ASP G 269 -15.43 -6.40 31.28
N SER G 270 -15.70 -7.05 30.16
CA SER G 270 -14.68 -7.82 29.48
C SER G 270 -13.50 -6.94 29.03
N GLU G 271 -13.79 -5.77 28.48
CA GLU G 271 -12.70 -4.89 28.04
C GLU G 271 -11.95 -4.32 29.23
N LYS G 272 -12.68 -4.02 30.31
CA LYS G 272 -12.06 -3.57 31.57
C LYS G 272 -11.05 -4.55 32.13
N GLU G 273 -11.41 -5.83 32.14
CA GLU G 273 -10.53 -6.86 32.70
C GLU G 273 -9.30 -7.06 31.83
N GLU G 274 -9.46 -6.82 30.54
CA GLU G 274 -8.32 -6.86 29.62
C GLU G 274 -7.38 -5.66 29.84
N ILE G 275 -7.95 -4.46 29.92
CA ILE G 275 -7.15 -3.27 30.22
C ILE G 275 -6.45 -3.49 31.56
N GLN G 276 -7.19 -3.96 32.57
CA GLN G 276 -6.60 -4.27 33.88
C GLN G 276 -5.39 -5.22 33.75
N GLN G 277 -5.55 -6.28 32.98
CA GLN G 277 -4.48 -7.22 32.74
C GLN G 277 -3.25 -6.54 32.12
N SER G 278 -3.46 -5.68 31.13
CA SER G 278 -2.36 -4.94 30.51
C SER G 278 -1.61 -4.07 31.53
N ILE G 279 -2.35 -3.42 32.42
CA ILE G 279 -1.71 -2.53 33.39
C ILE G 279 -0.93 -3.34 34.43
N LEU G 280 -1.54 -4.42 34.94
CA LEU G 280 -0.87 -5.25 35.97
C LEU G 280 0.42 -5.86 35.45
N LYS G 281 0.47 -6.12 34.14
CA LYS G 281 1.65 -6.64 33.50
C LYS G 281 2.78 -5.61 33.52
N GLN G 282 2.42 -4.36 33.24
CA GLN G 282 3.40 -3.28 33.23
C GLN G 282 3.83 -2.95 34.66
N ILE G 283 2.91 -3.02 35.61
CA ILE G 283 3.28 -2.85 37.03
C ILE G 283 4.29 -3.93 37.42
N GLU G 284 4.02 -5.16 37.00
CA GLU G 284 4.92 -6.29 37.28
C GLU G 284 6.31 -5.95 36.70
N LYS G 285 6.36 -5.55 35.44
CA LYS G 285 7.61 -5.20 34.75
C LYS G 285 8.38 -4.10 35.47
N TYR G 286 7.64 -3.10 35.97
CA TYR G 286 8.26 -1.93 36.61
C TYR G 286 8.20 -1.92 38.12
N SER G 287 8.01 -3.10 38.70
CA SER G 287 7.83 -3.22 40.14
C SER G 287 8.87 -2.47 40.99
N ASP G 288 10.08 -2.32 40.46
CA ASP G 288 11.20 -1.71 41.21
C ASP G 288 11.23 -0.18 41.19
N PHE G 289 10.28 0.42 40.48
CA PHE G 289 10.36 1.84 40.19
C PHE G 289 9.09 2.56 40.67
N PRO G 290 9.11 3.06 41.91
CA PRO G 290 7.91 3.66 42.51
C PRO G 290 7.14 4.71 41.70
N TYR G 291 7.84 5.65 41.06
CA TYR G 291 7.15 6.67 40.26
C TYR G 291 6.28 6.02 39.16
N VAL G 292 6.83 4.98 38.53
CA VAL G 292 6.15 4.28 37.46
C VAL G 292 4.97 3.44 37.99
N VAL G 293 5.21 2.69 39.05
CA VAL G 293 4.14 1.91 39.70
C VAL G 293 3.01 2.86 40.07
N ASN G 294 3.35 4.04 40.59
CA ASN G 294 2.30 4.99 40.98
C ASN G 294 1.49 5.42 39.76
N TYR G 295 2.20 5.73 38.68
CA TYR G 295 1.53 6.10 37.45
C TYR G 295 0.52 5.04 37.02
N TYR G 296 0.92 3.78 37.01
CA TYR G 296 -0.01 2.73 36.57
C TYR G 296 -1.12 2.46 37.57
N ARG G 297 -0.83 2.61 38.86
CA ARG G 297 -1.89 2.45 39.87
C ARG G 297 -2.94 3.52 39.67
N ASN G 298 -2.51 4.73 39.31
CA ASN G 298 -3.45 5.83 38.98
C ASN G 298 -4.33 5.48 37.81
N ARG G 299 -3.78 4.80 36.81
CA ARG G 299 -4.62 4.38 35.70
C ARG G 299 -5.57 3.27 36.09
N LEU G 300 -5.11 2.39 36.96
CA LEU G 300 -5.92 1.30 37.44
C LEU G 300 -7.13 1.85 38.20
N SER G 301 -6.91 2.86 39.04
CA SER G 301 -8.04 3.46 39.76
C SER G 301 -8.94 4.29 38.83
N ALA G 302 -8.35 4.90 37.81
CA ALA G 302 -9.10 5.66 36.79
C ALA G 302 -10.00 4.73 35.97
N LEU G 303 -9.51 3.52 35.71
CA LEU G 303 -10.24 2.50 34.96
C LEU G 303 -11.56 2.09 35.64
N PHE G 304 -11.52 1.86 36.94
CA PHE G 304 -12.68 1.37 37.68
C PHE G 304 -13.42 2.49 38.40
N LEU H 4 46.55 14.46 18.30
CA LEU H 4 46.87 14.96 19.66
C LEU H 4 45.58 15.17 20.48
N SER H 5 44.74 16.11 20.06
CA SER H 5 43.38 16.20 20.59
C SER H 5 42.49 15.21 19.83
N PRO H 6 41.39 14.72 20.44
CA PRO H 6 40.49 13.82 19.69
C PRO H 6 40.08 14.36 18.31
N GLY H 7 39.64 15.62 18.25
CA GLY H 7 39.24 16.25 17.00
C GLY H 7 40.34 16.24 15.94
N GLU H 8 41.58 16.46 16.37
CA GLU H 8 42.72 16.45 15.45
C GLU H 8 43.08 15.02 15.07
N PHE H 9 42.94 14.09 16.01
CA PHE H 9 43.23 12.69 15.75
C PHE H 9 42.24 12.12 14.71
N LYS H 10 40.97 12.46 14.84
CA LYS H 10 39.94 12.10 13.86
C LYS H 10 40.26 12.60 12.45
N THR H 11 40.80 13.82 12.36
CA THR H 11 41.10 14.41 11.06
C THR H 11 42.26 13.66 10.43
N LEU H 12 43.24 13.34 11.26
CA LEU H 12 44.38 12.54 10.86
C LEU H 12 43.99 11.13 10.42
N ILE H 13 43.05 10.51 11.14
CA ILE H 13 42.54 9.18 10.81
C ILE H 13 42.00 9.17 9.38
N SER H 14 41.13 10.13 9.08
CA SER H 14 40.51 10.28 7.76
C SER H 14 41.52 10.42 6.62
N LYS H 15 42.40 11.42 6.75
CA LYS H 15 43.46 11.66 5.77
C LYS H 15 44.27 10.40 5.52
N GLU H 16 44.72 9.76 6.60
CA GLU H 16 45.53 8.55 6.54
C GLU H 16 44.78 7.40 5.87
N ARG H 17 43.50 7.26 6.20
CA ARG H 17 42.72 6.16 5.67
C ARG H 17 42.61 6.29 4.16
N LYS H 18 42.32 7.51 3.70
CA LYS H 18 42.18 7.80 2.28
C LYS H 18 43.47 7.49 1.53
N SER H 19 44.61 7.81 2.15
CA SER H 19 45.91 7.59 1.54
C SER H 19 46.30 6.11 1.51
N HIS H 20 45.81 5.36 2.49
CA HIS H 20 46.33 4.01 2.70
C HIS H 20 45.51 2.87 2.10
N PHE H 21 44.21 3.10 1.91
CA PHE H 21 43.31 2.05 1.44
C PHE H 21 42.74 2.35 0.06
N ILE H 22 42.84 1.39 -0.84
CA ILE H 22 42.15 1.52 -2.13
C ILE H 22 40.64 1.38 -1.88
N THR H 23 39.85 1.87 -2.83
CA THR H 23 38.38 1.85 -2.70
C THR H 23 37.81 0.43 -2.63
N PRO H 24 36.59 0.29 -2.06
CA PRO H 24 35.89 -0.98 -2.06
C PRO H 24 35.83 -1.62 -3.45
N PHE H 25 35.45 -0.84 -4.47
CA PHE H 25 35.42 -1.38 -5.81
C PHE H 25 36.82 -1.75 -6.30
N ALA H 26 37.81 -0.90 -6.07
CA ALA H 26 39.18 -1.23 -6.51
C ALA H 26 39.67 -2.52 -5.88
N LEU H 27 39.35 -2.74 -4.62
CA LEU H 27 39.73 -4.00 -3.94
C LEU H 27 39.03 -5.20 -4.55
N VAL H 28 37.74 -5.05 -4.81
CA VAL H 28 36.97 -6.14 -5.40
C VAL H 28 37.52 -6.42 -6.80
N TYR H 29 37.81 -5.36 -7.55
CA TYR H 29 38.36 -5.53 -8.89
C TYR H 29 39.69 -6.25 -8.86
N LYS H 30 40.59 -5.79 -8.01
CA LYS H 30 41.87 -6.47 -7.82
C LYS H 30 41.67 -7.95 -7.51
N THR H 31 40.78 -8.26 -6.56
CA THR H 31 40.48 -9.64 -6.16
C THR H 31 39.94 -10.49 -7.31
N PHE H 32 38.93 -9.95 -8.01
CA PHE H 32 38.38 -10.59 -9.21
C PHE H 32 39.52 -11.06 -10.15
N CYS H 33 40.44 -10.15 -10.43
CA CYS H 33 41.55 -10.47 -11.33
C CYS H 33 42.57 -11.44 -10.71
N ASP H 34 42.91 -11.22 -9.45
CA ASP H 34 43.85 -12.10 -8.70
C ASP H 34 43.37 -13.54 -8.70
N LEU H 35 42.05 -13.74 -8.60
CA LEU H 35 41.48 -15.10 -8.53
C LEU H 35 41.19 -15.70 -9.90
N GLY H 36 41.44 -14.93 -10.96
CA GLY H 36 41.33 -15.43 -12.32
C GLY H 36 39.93 -15.37 -12.88
N TYR H 37 39.04 -14.61 -12.23
CA TYR H 37 37.67 -14.56 -12.69
C TYR H 37 37.53 -13.84 -14.00
N ASP H 38 38.50 -13.00 -14.31
CA ASP H 38 38.55 -12.32 -15.60
C ASP H 38 38.86 -13.26 -16.77
N GLN H 39 39.20 -14.52 -16.47
CA GLN H 39 39.42 -15.55 -17.49
C GLN H 39 38.25 -16.54 -17.66
N LYS H 40 37.18 -16.38 -16.88
CA LYS H 40 36.08 -17.34 -16.92
C LYS H 40 35.07 -16.92 -17.97
N ASN H 41 34.50 -17.90 -18.65
CA ASN H 41 33.40 -17.61 -19.57
C ASN H 41 32.10 -17.28 -18.83
N SER H 42 31.08 -16.92 -19.61
CA SER H 42 29.83 -16.43 -19.00
C SER H 42 29.06 -17.53 -18.27
N ASP H 43 29.14 -18.77 -18.78
CA ASP H 43 28.47 -19.89 -18.14
C ASP H 43 29.02 -20.16 -16.75
N TYR H 44 30.32 -19.87 -16.55
CA TYR H 44 30.86 -20.02 -15.20
C TYR H 44 30.02 -19.21 -14.21
N PHE H 45 29.74 -17.96 -14.55
CA PHE H 45 29.08 -17.06 -13.61
C PHE H 45 27.61 -17.37 -13.53
N LEU H 46 27.03 -17.71 -14.68
CA LEU H 46 25.63 -18.12 -14.71
C LEU H 46 25.39 -19.33 -13.81
N ASN H 47 26.31 -20.30 -13.85
CA ASN H 47 26.14 -21.58 -13.16
C ASN H 47 26.67 -21.67 -11.75
N ASN H 48 27.70 -20.86 -11.43
CA ASN H 48 28.40 -20.95 -10.14
C ASN H 48 28.41 -19.65 -9.36
N PRO H 49 27.34 -18.91 -9.36
CA PRO H 49 27.43 -17.62 -8.71
C PRO H 49 27.70 -17.67 -7.23
N SER H 50 27.11 -18.65 -6.54
CA SER H 50 27.35 -18.75 -5.11
C SER H 50 28.82 -19.00 -4.76
N GLU H 51 29.45 -19.92 -5.50
CA GLU H 51 30.84 -20.27 -5.34
C GLU H 51 31.70 -19.02 -5.53
N TYR H 52 31.42 -18.30 -6.60
CA TYR H 52 32.08 -17.03 -6.87
C TYR H 52 31.93 -16.00 -5.74
N ILE H 53 30.72 -15.80 -5.26
CA ILE H 53 30.49 -14.77 -4.23
C ILE H 53 31.28 -15.11 -2.97
N ILE H 54 31.20 -16.36 -2.57
CA ILE H 54 31.90 -16.86 -1.39
C ILE H 54 33.41 -16.69 -1.50
N ALA H 55 33.99 -17.04 -2.65
CA ALA H 55 35.44 -16.94 -2.85
C ALA H 55 35.85 -15.45 -2.84
N MET H 56 35.03 -14.61 -3.49
CA MET H 56 35.28 -13.18 -3.51
C MET H 56 35.31 -12.57 -2.12
N ARG H 57 34.30 -12.90 -1.32
CA ARG H 57 34.20 -12.40 0.05
C ARG H 57 35.42 -12.86 0.88
N LYS H 58 35.73 -14.16 0.79
CA LYS H 58 36.89 -14.74 1.50
C LYS H 58 38.17 -13.97 1.22
N ASN H 59 38.46 -13.76 -0.06
CA ASN H 59 39.75 -13.19 -0.44
C ASN H 59 39.81 -11.66 -0.28
N CYS H 60 38.66 -10.98 -0.40
CA CYS H 60 38.65 -9.54 -0.15
C CYS H 60 39.00 -9.30 1.31
N TRP H 61 38.43 -10.12 2.19
CA TRP H 61 38.63 -9.92 3.62
C TRP H 61 40.07 -10.25 3.97
N LYS H 62 40.57 -11.35 3.41
CA LYS H 62 41.97 -11.82 3.61
C LYS H 62 43.00 -10.77 3.24
N GLU H 63 42.75 -10.02 2.17
CA GLU H 63 43.60 -8.88 1.80
C GLU H 63 43.46 -7.72 2.78
N PHE H 64 42.22 -7.32 3.02
CA PHE H 64 41.94 -6.14 3.81
C PHE H 64 42.37 -6.24 5.27
N GLU H 65 42.01 -7.35 5.94
CA GLU H 65 42.18 -7.42 7.40
C GLU H 65 43.61 -7.25 7.90
N PRO H 66 44.61 -7.89 7.25
CA PRO H 66 45.99 -7.64 7.70
C PRO H 66 46.39 -6.17 7.53
N PHE H 67 45.95 -5.55 6.43
CA PHE H 67 46.17 -4.14 6.17
C PHE H 67 45.53 -3.20 7.21
N GLU H 68 44.29 -3.48 7.61
CA GLU H 68 43.62 -2.63 8.60
C GLU H 68 44.29 -2.70 9.96
N LYS H 69 44.71 -3.91 10.31
CA LYS H 69 45.42 -4.16 11.55
C LYS H 69 46.72 -3.34 11.62
N GLU H 70 47.40 -3.14 10.50
CA GLU H 70 48.64 -2.36 10.53
C GLU H 70 48.35 -0.85 10.57
N PHE H 71 47.25 -0.44 9.94
CA PHE H 71 46.82 0.95 9.95
C PHE H 71 46.52 1.40 11.39
N THR H 72 45.86 0.52 12.11
CA THR H 72 45.45 0.75 13.47
C THR H 72 46.67 0.92 14.35
N THR H 73 47.64 0.03 14.21
CA THR H 73 48.89 0.13 14.98
C THR H 73 49.61 1.47 14.67
N ARG H 74 49.60 1.87 13.41
CA ARG H 74 50.19 3.12 12.94
C ARG H 74 49.52 4.38 13.47
N MET H 75 48.18 4.41 13.44
CA MET H 75 47.43 5.54 13.97
C MET H 75 47.71 5.69 15.46
N LEU H 76 47.75 4.57 16.18
CA LEU H 76 47.97 4.58 17.63
C LEU H 76 49.34 5.12 17.98
N SER H 77 50.28 4.84 17.12
CA SER H 77 51.66 5.23 17.48
C SER H 77 51.88 6.76 17.38
N TYR H 78 50.94 7.47 16.74
CA TYR H 78 50.88 8.94 16.77
C TYR H 78 50.53 9.48 18.17
N LEU H 79 50.04 8.61 19.05
CA LEU H 79 49.67 9.01 20.39
C LEU H 79 50.77 8.78 21.42
N ILE H 80 51.77 7.97 21.04
CA ILE H 80 52.82 7.63 21.99
C ILE H 80 53.68 8.85 22.32
N ASP H 81 53.83 9.09 23.61
CA ASP H 81 54.52 10.27 24.11
C ASP H 81 55.76 9.78 24.82
N GLU H 82 56.84 9.68 24.04
CA GLU H 82 58.07 9.03 24.46
C GLU H 82 58.63 9.73 25.69
N GLU H 83 58.64 11.05 25.70
CA GLU H 83 59.17 11.78 26.85
C GLU H 83 58.27 11.79 28.10
N ARG H 84 56.96 11.69 27.93
CA ARG H 84 56.04 11.56 29.05
C ARG H 84 56.23 10.25 29.83
N ILE H 85 56.63 9.21 29.10
CA ILE H 85 56.65 7.85 29.63
C ILE H 85 58.07 7.40 29.94
N LYS H 86 59.06 8.21 29.56
CA LYS H 86 60.47 7.81 29.56
C LYS H 86 60.98 7.22 30.87
N ASP H 87 60.43 7.68 31.99
CA ASP H 87 60.92 7.27 33.31
C ASP H 87 60.05 6.18 33.95
N MET H 88 59.04 5.71 33.22
CA MET H 88 58.10 4.72 33.72
C MET H 88 58.57 3.28 33.52
N SER H 89 58.09 2.38 34.36
CA SER H 89 58.23 0.96 34.13
C SER H 89 57.33 0.63 32.95
N PRO H 90 57.69 -0.42 32.17
CA PRO H 90 56.88 -0.78 30.99
C PRO H 90 55.41 -0.99 31.35
N TYR H 91 55.17 -1.60 32.50
CA TYR H 91 53.82 -1.87 32.93
C TYR H 91 53.05 -0.58 33.19
N ASP H 92 53.71 0.37 33.84
CA ASP H 92 53.11 1.67 34.13
C ASP H 92 52.92 2.52 32.88
N ALA H 93 53.78 2.30 31.88
CA ALA H 93 53.72 3.03 30.62
C ALA H 93 52.48 2.67 29.82
N ILE H 94 52.17 1.37 29.74
CA ILE H 94 50.94 0.92 29.06
C ILE H 94 49.70 1.42 29.81
N ARG H 95 49.75 1.35 31.13
CA ARG H 95 48.63 1.84 31.94
C ARG H 95 48.34 3.31 31.68
N ASP H 96 49.41 4.12 31.63
CA ASP H 96 49.33 5.55 31.38
C ASP H 96 48.78 5.87 30.00
N PHE H 97 49.23 5.12 29.00
CA PHE H 97 48.75 5.27 27.63
C PHE H 97 47.25 5.03 27.52
N THR H 98 46.81 3.93 28.14
CA THR H 98 45.39 3.53 28.10
C THR H 98 44.52 4.35 29.04
N MET H 99 45.12 5.20 29.85
CA MET H 99 44.33 6.06 30.69
C MET H 99 44.29 7.46 30.10
N GLU H 100 45.31 7.81 29.34
CA GLU H 100 45.37 9.11 28.74
C GLU H 100 44.59 9.21 27.47
N TYR H 101 44.41 8.10 26.77
CA TYR H 101 43.89 8.12 25.41
C TYR H 101 42.63 7.26 25.16
N PRO H 102 41.75 7.08 26.16
CA PRO H 102 40.50 6.33 25.89
C PRO H 102 39.66 6.85 24.74
N THR H 103 39.48 8.17 24.63
CA THR H 103 38.58 8.70 23.61
C THR H 103 39.26 8.52 22.28
N HIS H 104 40.56 8.80 22.25
CA HIS H 104 41.36 8.63 21.05
C HIS H 104 41.32 7.20 20.52
N ILE H 105 41.60 6.23 21.38
CA ILE H 105 41.60 4.81 21.01
C ILE H 105 40.21 4.36 20.55
N TYR H 106 39.19 4.74 21.31
CA TYR H 106 37.81 4.46 20.90
C TYR H 106 37.47 5.07 19.55
N ASP H 107 37.83 6.33 19.35
CA ASP H 107 37.51 7.03 18.10
C ASP H 107 38.15 6.36 16.90
N LEU H 108 39.37 5.89 17.07
CA LEU H 108 40.06 5.11 16.03
C LEU H 108 39.27 3.84 15.71
N ALA H 109 38.94 3.04 16.73
CA ALA H 109 38.22 1.78 16.48
C ALA H 109 36.83 2.05 15.89
N LEU H 110 36.16 3.09 16.38
CA LEU H 110 34.83 3.48 15.85
C LEU H 110 34.94 3.82 14.38
N SER H 111 35.93 4.63 14.03
CA SER H 111 36.19 4.94 12.65
C SER H 111 36.36 3.65 11.81
N ASN H 112 37.12 2.70 12.34
CA ASN H 112 37.37 1.39 11.71
C ASN H 112 36.11 0.59 11.48
N THR H 113 35.25 0.47 12.49
CA THR H 113 34.02 -0.30 12.27
C THR H 113 33.08 0.39 11.29
N GLN H 114 33.07 1.72 11.31
CA GLN H 114 32.17 2.48 10.44
C GLN H 114 32.65 2.33 9.01
N SER H 115 33.97 2.31 8.87
CA SER H 115 34.60 2.00 7.59
C SER H 115 34.23 0.58 7.16
N ARG H 116 34.38 -0.39 8.04
CA ARG H 116 34.06 -1.79 7.70
C ARG H 116 32.62 -1.96 7.23
N ARG H 117 31.68 -1.33 7.95
CA ARG H 117 30.25 -1.43 7.59
C ARG H 117 29.99 -0.87 6.20
N SER H 118 30.47 0.33 5.96
CA SER H 118 30.28 0.94 4.67
C SER H 118 30.94 0.14 3.57
N ARG H 119 32.17 -0.28 3.83
CA ARG H 119 32.94 -1.05 2.84
C ARG H 119 32.32 -2.42 2.57
N ALA H 120 31.77 -3.07 3.60
CA ALA H 120 31.25 -4.42 3.42
C ALA H 120 30.08 -4.33 2.45
N GLY H 121 29.31 -3.25 2.59
CA GLY H 121 28.09 -3.09 1.77
C GLY H 121 28.55 -2.81 0.35
N LYS H 122 29.49 -1.89 0.21
CA LYS H 122 29.99 -1.48 -1.11
C LYS H 122 30.73 -2.61 -1.85
N GLU H 123 31.54 -3.36 -1.11
CA GLU H 123 32.18 -4.55 -1.67
C GLU H 123 31.19 -5.63 -2.11
N PHE H 124 30.11 -5.83 -1.37
CA PHE H 124 29.16 -6.85 -1.70
C PHE H 124 28.48 -6.42 -2.98
N GLU H 125 28.06 -5.15 -3.01
CA GLU H 125 27.44 -4.58 -4.24
C GLU H 125 28.39 -4.74 -5.43
N SER H 126 29.67 -4.48 -5.21
CA SER H 126 30.69 -4.56 -6.28
C SER H 126 30.90 -5.99 -6.78
N ILE H 127 30.90 -6.94 -5.84
CA ILE H 127 30.98 -8.37 -6.16
C ILE H 127 29.83 -8.78 -7.06
N LEU H 128 28.62 -8.31 -6.75
CA LEU H 128 27.44 -8.65 -7.52
C LEU H 128 27.46 -7.97 -8.89
N GLU H 129 28.02 -6.78 -8.94
CA GLU H 129 28.16 -6.02 -10.17
C GLU H 129 29.05 -6.83 -11.12
N LEU H 130 30.21 -7.25 -10.62
CA LEU H 130 31.14 -8.01 -11.48
C LEU H 130 30.61 -9.41 -11.85
N LEU H 131 29.77 -9.98 -11.00
CA LEU H 131 29.05 -11.21 -11.31
C LEU H 131 28.18 -11.01 -12.53
N MET H 132 27.38 -9.94 -12.54
CA MET H 132 26.49 -9.70 -13.68
C MET H 132 27.32 -9.43 -14.92
N MET H 133 28.39 -8.68 -14.77
CA MET H 133 29.31 -8.42 -15.89
C MET H 133 29.96 -9.68 -16.46
N GLY H 134 30.43 -10.55 -15.57
CA GLY H 134 30.96 -11.86 -15.94
C GLY H 134 29.98 -12.73 -16.68
N ALA H 135 28.74 -12.74 -16.22
CA ALA H 135 27.67 -13.49 -16.86
C ALA H 135 27.23 -12.83 -18.16
N GLY H 136 27.72 -11.61 -18.42
CA GLY H 136 27.38 -10.89 -19.67
C GLY H 136 25.98 -10.33 -19.75
N ILE H 137 25.36 -10.15 -18.58
CA ILE H 137 23.98 -9.67 -18.47
C ILE H 137 24.00 -8.15 -18.42
N PRO H 138 23.13 -7.49 -19.22
CA PRO H 138 23.15 -6.04 -19.26
C PRO H 138 22.56 -5.50 -17.97
N VAL H 139 23.32 -4.63 -17.29
CA VAL H 139 22.79 -3.94 -16.13
C VAL H 139 23.28 -2.51 -16.08
N ASP H 140 22.48 -1.64 -15.47
CA ASP H 140 22.97 -0.34 -15.04
C ASP H 140 23.29 -0.39 -13.59
N VAL H 141 24.39 0.25 -13.22
CA VAL H 141 24.83 0.30 -11.84
C VAL H 141 24.52 1.69 -11.28
N GLN H 142 23.80 1.73 -10.17
CA GLN H 142 23.29 3.01 -9.65
C GLN H 142 24.39 4.01 -9.31
N GLY H 143 25.39 3.54 -8.57
CA GLY H 143 26.53 4.37 -8.18
C GLY H 143 27.37 4.90 -9.34
N ALA H 144 27.21 4.28 -10.50
CA ALA H 144 28.04 4.59 -11.68
C ALA H 144 27.39 5.55 -12.66
N ILE H 145 26.08 5.76 -12.56
CA ILE H 145 25.42 6.79 -13.38
C ILE H 145 25.00 7.96 -12.51
N ILE H 155 13.02 4.86 -9.07
CA ILE H 155 13.98 3.84 -8.64
C ILE H 155 14.71 4.30 -7.38
N GLY H 156 14.34 3.74 -6.23
CA GLY H 156 15.04 4.05 -4.98
C GLY H 156 16.55 3.85 -5.04
N LYS H 157 17.28 4.60 -4.22
CA LYS H 157 18.73 4.47 -4.21
C LYS H 157 19.19 3.18 -3.56
N LEU H 158 18.24 2.43 -2.97
CA LEU H 158 18.54 1.14 -2.37
C LEU H 158 18.74 0.05 -3.49
N VAL H 159 18.28 0.33 -4.71
CA VAL H 159 18.49 -0.58 -5.84
C VAL H 159 19.90 -0.41 -6.35
N ASP H 160 20.62 -1.49 -6.46
CA ASP H 160 22.01 -1.40 -6.90
C ASP H 160 22.18 -1.69 -8.38
N LEU H 161 21.40 -2.66 -8.86
CA LEU H 161 21.48 -3.09 -10.25
C LEU H 161 20.13 -3.04 -10.91
N VAL H 162 20.11 -2.52 -12.14
CA VAL H 162 18.84 -2.46 -12.91
C VAL H 162 19.10 -3.20 -14.22
N MET H 163 18.36 -4.28 -14.46
CA MET H 163 18.51 -5.11 -15.66
C MET H 163 17.28 -4.87 -16.57
N PRO H 164 17.47 -4.46 -17.82
CA PRO H 164 18.73 -4.24 -18.54
C PRO H 164 19.33 -2.86 -18.35
N GLY H 165 18.54 -1.92 -17.84
CA GLY H 165 18.99 -0.56 -17.58
C GLY H 165 17.87 0.39 -17.17
N VAL H 166 18.25 1.59 -16.73
CA VAL H 166 17.29 2.57 -16.23
C VAL H 166 16.44 3.15 -17.35
N VAL H 167 17.04 3.36 -18.51
CA VAL H 167 16.26 3.95 -19.59
C VAL H 167 15.17 2.97 -20.00
N GLN H 168 15.51 1.69 -20.10
CA GLN H 168 14.54 0.66 -20.49
C GLN H 168 13.46 0.53 -19.42
N TYR H 169 13.88 0.54 -18.17
CA TYR H 169 12.95 0.44 -17.05
C TYR H 169 11.93 1.59 -17.10
N THR H 170 12.44 2.80 -17.34
CA THR H 170 11.58 3.98 -17.42
C THR H 170 10.61 3.88 -18.58
N SER H 171 11.02 3.27 -19.69
CA SER H 171 10.06 3.02 -20.78
C SER H 171 8.95 2.10 -20.29
N ASN H 172 9.32 0.97 -19.67
CA ASN H 172 8.35 0.04 -19.14
C ASN H 172 9.05 -0.92 -18.23
N LYS H 173 8.46 -1.15 -17.07
CA LYS H 173 9.08 -2.03 -16.09
C LYS H 173 8.90 -3.53 -16.44
N ARG H 174 8.06 -3.83 -17.44
CA ARG H 174 7.95 -5.21 -17.90
C ARG H 174 9.29 -5.80 -18.31
N ASN H 175 9.54 -7.04 -17.88
CA ASN H 175 10.74 -7.81 -18.24
C ASN H 175 12.04 -7.24 -17.74
N THR H 176 11.99 -6.52 -16.63
CA THR H 176 13.19 -6.00 -15.99
C THR H 176 13.41 -6.69 -14.66
N MET H 177 14.59 -6.48 -14.10
CA MET H 177 14.90 -7.02 -12.80
C MET H 177 15.63 -5.96 -12.02
N LEU H 178 15.17 -5.77 -10.77
CA LEU H 178 15.84 -4.83 -9.88
C LEU H 178 16.44 -5.64 -8.74
N ILE H 179 17.68 -5.33 -8.40
CA ILE H 179 18.39 -6.06 -7.34
C ILE H 179 18.97 -5.09 -6.33
N SER H 180 18.64 -5.35 -5.06
CA SER H 180 19.15 -4.62 -3.90
C SER H 180 20.02 -5.62 -3.17
N ALA H 181 20.97 -5.14 -2.39
CA ALA H 181 21.79 -6.07 -1.61
C ALA H 181 21.98 -5.54 -0.21
N LYS H 182 21.96 -6.46 0.76
CA LYS H 182 22.30 -6.18 2.15
C LYS H 182 23.05 -7.39 2.68
N THR H 183 24.27 -7.19 3.16
CA THR H 183 25.12 -8.29 3.65
C THR H 183 24.42 -9.06 4.76
N THR H 184 23.85 -8.31 5.71
CA THR H 184 23.01 -8.85 6.79
C THR H 184 21.73 -8.05 6.75
N LEU H 185 20.65 -8.61 7.27
CA LEU H 185 19.36 -7.93 7.18
C LEU H 185 18.94 -7.21 8.47
N ARG H 186 19.19 -7.79 9.63
CA ARG H 186 18.66 -7.27 10.90
C ARG H 186 17.18 -6.88 10.72
N GLU H 187 16.82 -5.66 11.09
CA GLU H 187 15.47 -5.11 10.78
C GLU H 187 15.48 -4.24 9.54
N ARG H 188 16.67 -4.00 9.00
CA ARG H 188 16.85 -3.10 7.89
C ARG H 188 16.19 -3.55 6.61
N TRP H 189 15.80 -4.81 6.54
CA TRP H 189 15.03 -5.30 5.39
C TRP H 189 13.72 -4.52 5.23
N GLN H 190 13.25 -3.92 6.34
CA GLN H 190 12.02 -3.13 6.31
C GLN H 190 12.10 -1.93 5.37
N GLU H 191 13.34 -1.51 5.05
CA GLU H 191 13.57 -0.40 4.13
C GLU H 191 13.12 -0.81 2.73
N VAL H 192 13.18 -2.11 2.44
CA VAL H 192 12.93 -2.58 1.04
C VAL H 192 11.45 -2.49 0.62
N PRO H 193 10.51 -3.04 1.42
CA PRO H 193 9.09 -2.81 1.08
C PRO H 193 8.73 -1.36 0.98
N GLU H 194 9.37 -0.51 1.79
CA GLU H 194 9.08 0.91 1.73
C GLU H 194 9.41 1.43 0.34
N GLU H 195 10.57 1.04 -0.19
CA GLU H 195 11.00 1.56 -1.48
C GLU H 195 10.18 0.94 -2.62
N VAL H 196 9.82 -0.33 -2.46
CA VAL H 196 8.94 -1.02 -3.43
C VAL H 196 7.57 -0.33 -3.53
N ASN H 197 6.97 -0.13 -2.36
CA ASN H 197 5.64 0.45 -2.34
C ASN H 197 5.63 1.92 -2.78
N ARG H 198 6.71 2.65 -2.49
CA ARG H 198 6.80 4.06 -2.78
C ARG H 198 6.76 4.29 -4.30
N THR H 199 7.40 3.38 -5.03
CA THR H 199 7.67 3.62 -6.44
C THR H 199 6.87 2.68 -7.35
N GLY H 200 6.06 1.79 -6.76
CA GLY H 200 5.22 0.87 -7.55
C GLY H 200 6.05 -0.22 -8.25
N ILE H 201 7.25 -0.47 -7.73
CA ILE H 201 8.07 -1.61 -8.18
C ILE H 201 7.27 -2.91 -8.17
N ARG H 202 7.37 -3.69 -9.24
CA ARG H 202 6.60 -4.93 -9.31
C ARG H 202 7.17 -6.01 -8.37
N GLU H 203 8.49 -6.19 -8.40
CA GLU H 203 9.14 -7.10 -7.49
C GLU H 203 10.58 -6.69 -7.38
N MET H 204 11.21 -6.99 -6.26
CA MET H 204 12.63 -6.67 -6.10
C MET H 204 13.33 -7.87 -5.51
N TYR H 205 14.56 -8.11 -5.97
CA TYR H 205 15.37 -9.18 -5.44
C TYR H 205 16.26 -8.59 -4.39
N LEU H 206 16.31 -9.22 -3.21
CA LEU H 206 17.13 -8.71 -2.11
C LEU H 206 18.21 -9.74 -1.87
N ALA H 207 19.39 -9.48 -2.38
CA ALA H 207 20.54 -10.39 -2.21
C ALA H 207 21.11 -10.21 -0.81
N THR H 208 21.47 -11.33 -0.19
CA THR H 208 22.03 -11.27 1.16
C THR H 208 22.95 -12.45 1.44
N LEU H 209 23.86 -12.25 2.39
CA LEU H 209 24.66 -13.34 2.89
C LEU H 209 24.18 -13.80 4.29
N ASP H 210 23.11 -13.20 4.78
CA ASP H 210 22.59 -13.50 6.11
C ASP H 210 21.98 -14.90 6.10
N ASP H 211 22.24 -15.70 7.12
CA ASP H 211 21.57 -17.00 7.21
C ASP H 211 20.65 -17.06 8.46
N SER H 212 20.27 -15.89 9.00
CA SER H 212 19.59 -15.82 10.27
C SER H 212 18.18 -15.22 10.23
N PHE H 213 17.74 -14.79 9.07
CA PHE H 213 16.41 -14.13 9.02
C PHE H 213 15.28 -15.17 9.17
N SER H 214 14.15 -14.72 9.70
CA SER H 214 13.12 -15.63 10.11
C SER H 214 12.08 -15.90 9.05
N GLU H 215 11.22 -16.89 9.35
CA GLU H 215 10.07 -17.18 8.48
C GLU H 215 9.12 -15.97 8.39
N GLU H 216 8.92 -15.29 9.51
CA GLU H 216 8.08 -14.08 9.51
C GLU H 216 8.64 -13.02 8.57
N THR H 217 9.95 -12.81 8.59
CA THR H 217 10.59 -11.86 7.68
C THR H 217 10.41 -12.27 6.24
N ILE H 218 10.60 -13.55 5.99
CA ILE H 218 10.43 -14.08 4.65
C ILE H 218 9.01 -13.77 4.13
N ASN H 219 8.04 -14.08 4.96
CA ASN H 219 6.64 -13.91 4.58
C ASN H 219 6.22 -12.44 4.44
N ILE H 220 6.73 -11.56 5.30
CA ILE H 220 6.44 -10.12 5.14
C ILE H 220 7.05 -9.59 3.86
N LEU H 221 8.31 -9.94 3.61
CA LEU H 221 8.94 -9.56 2.34
C LEU H 221 8.14 -10.14 1.16
N TYR H 222 7.69 -11.38 1.27
CA TYR H 222 6.93 -12.03 0.19
C TYR H 222 5.67 -11.25 -0.17
N GLU H 223 4.95 -10.84 0.88
CA GLU H 223 3.69 -10.11 0.68
C GLU H 223 4.00 -8.79 0.00
N ALA H 224 5.21 -8.28 0.22
CA ALA H 224 5.68 -7.04 -0.36
C ALA H 224 6.35 -7.18 -1.70
N ASN H 225 6.34 -8.40 -2.21
CA ASN H 225 7.03 -8.74 -3.49
C ASN H 225 8.51 -8.46 -3.49
N VAL H 226 9.14 -8.74 -2.35
CA VAL H 226 10.60 -8.75 -2.25
C VAL H 226 11.01 -10.21 -2.02
N VAL H 227 11.89 -10.73 -2.88
CA VAL H 227 12.31 -12.13 -2.71
C VAL H 227 13.76 -12.12 -2.24
N VAL H 228 14.04 -12.86 -1.18
CA VAL H 228 15.41 -12.95 -0.68
C VAL H 228 16.18 -13.96 -1.51
N VAL H 229 17.39 -13.57 -1.87
CA VAL H 229 18.31 -14.41 -2.67
C VAL H 229 19.54 -14.59 -1.82
N THR H 230 19.96 -15.84 -1.65
CA THR H 230 21.22 -16.03 -0.90
C THR H 230 22.03 -17.13 -1.55
N THR H 231 23.14 -17.54 -0.92
CA THR H 231 23.94 -18.58 -1.53
C THR H 231 23.23 -19.93 -1.42
N VAL H 232 23.54 -20.83 -2.31
CA VAL H 232 23.00 -22.16 -2.21
C VAL H 232 23.48 -22.80 -0.90
N GLU H 233 24.68 -22.48 -0.45
CA GLU H 233 25.16 -22.96 0.85
C GLU H 233 24.21 -22.55 1.97
N ASN H 234 23.91 -21.26 2.02
CA ASN H 234 22.99 -20.72 3.05
C ASN H 234 21.61 -21.30 2.90
N LYS H 235 21.13 -21.38 1.66
CA LYS H 235 19.80 -21.97 1.45
C LYS H 235 19.71 -23.41 1.93
N ASN H 236 20.71 -24.23 1.60
CA ASN H 236 20.70 -25.61 1.99
C ASN H 236 20.84 -25.80 3.53
N PHE H 237 21.49 -24.83 4.16
CA PHE H 237 21.85 -24.90 5.60
C PHE H 237 20.62 -24.56 6.43
N LYS H 238 19.89 -23.54 5.99
CA LYS H 238 18.85 -22.96 6.83
C LYS H 238 17.46 -22.86 6.19
N TYR H 239 17.39 -22.96 4.87
CA TYR H 239 16.11 -22.68 4.19
C TYR H 239 15.80 -23.72 3.11
N LYS H 240 16.27 -24.95 3.29
CA LYS H 240 16.31 -25.88 2.15
C LYS H 240 14.95 -26.14 1.51
N ASN H 241 13.97 -26.28 2.39
CA ASN H 241 12.58 -26.63 2.12
C ASN H 241 11.73 -25.43 1.72
N ASN H 242 12.30 -24.24 1.79
CA ASN H 242 11.47 -23.04 1.67
C ASN H 242 11.55 -22.43 0.28
N ASN H 243 10.51 -22.61 -0.54
CA ASN H 243 10.60 -22.18 -1.92
C ASN H 243 10.45 -20.67 -2.02
N ARG H 244 10.24 -20.01 -0.90
CA ARG H 244 10.28 -18.53 -0.92
C ARG H 244 11.65 -17.92 -0.80
N VAL H 245 12.66 -18.75 -0.55
CA VAL H 245 14.02 -18.25 -0.48
C VAL H 245 14.73 -18.77 -1.71
N LEU H 246 15.31 -17.88 -2.49
CA LEU H 246 16.01 -18.26 -3.74
C LEU H 246 17.52 -18.28 -3.58
N THR H 247 18.21 -18.89 -4.53
CA THR H 247 19.67 -18.90 -4.51
C THR H 247 20.16 -17.94 -5.60
N PHE H 248 21.43 -17.55 -5.53
CA PHE H 248 22.00 -16.75 -6.61
C PHE H 248 21.90 -17.47 -7.94
N GLU H 249 21.95 -18.80 -7.90
CA GLU H 249 21.88 -19.61 -9.12
C GLU H 249 20.52 -19.38 -9.76
N ASP H 250 19.47 -19.40 -8.93
CA ASP H 250 18.12 -19.11 -9.38
C ASP H 250 18.02 -17.70 -9.97
N MET H 251 18.55 -16.71 -9.25
CA MET H 251 18.45 -15.32 -9.70
C MET H 251 19.17 -15.14 -11.04
N LEU H 252 20.36 -15.72 -11.19
CA LEU H 252 21.08 -15.58 -12.46
C LEU H 252 20.31 -16.23 -13.61
N GLN H 253 19.66 -17.35 -13.34
CA GLN H 253 18.87 -18.01 -14.38
C GLN H 253 17.74 -17.07 -14.82
N SER H 254 17.06 -16.48 -13.84
CA SER H 254 15.98 -15.52 -14.13
C SER H 254 16.46 -14.28 -14.88
N ALA H 255 17.62 -13.75 -14.46
CA ALA H 255 18.16 -12.57 -15.10
C ALA H 255 18.52 -12.90 -16.52
N MET H 256 19.12 -14.07 -16.74
CA MET H 256 19.52 -14.50 -18.09
C MET H 256 18.28 -14.64 -18.98
N GLU H 257 17.25 -15.32 -18.48
CA GLU H 257 16.00 -15.48 -19.25
C GLU H 257 15.34 -14.15 -19.58
N LEU H 258 15.28 -13.25 -18.60
CA LEU H 258 14.63 -11.96 -18.81
C LEU H 258 15.46 -11.06 -19.70
N SER H 259 16.78 -11.26 -19.71
CA SER H 259 17.65 -10.43 -20.51
C SER H 259 17.43 -10.72 -21.99
N ARG H 260 17.13 -11.98 -22.31
CA ARG H 260 16.91 -12.42 -23.69
C ARG H 260 15.69 -11.75 -24.30
N LYS H 261 14.77 -11.34 -23.43
CA LYS H 261 13.60 -10.61 -23.86
C LYS H 261 13.99 -9.23 -24.40
N TRP H 262 15.29 -8.90 -24.36
CA TRP H 262 15.76 -7.58 -24.79
C TRP H 262 16.60 -7.61 -26.05
N ASN H 263 16.89 -8.80 -26.54
CA ASN H 263 17.76 -8.96 -27.70
C ASN H 263 17.39 -8.17 -28.95
N ASN H 264 16.10 -8.07 -29.25
CA ASN H 264 15.68 -7.48 -30.54
C ASN H 264 14.66 -6.37 -30.43
N VAL H 265 14.71 -5.62 -29.33
CA VAL H 265 13.84 -4.48 -29.14
C VAL H 265 14.18 -3.34 -30.11
N SER H 266 13.15 -2.63 -30.55
CA SER H 266 13.30 -1.41 -31.31
C SER H 266 13.22 -0.24 -30.33
N TYR H 267 14.36 0.33 -29.97
CA TYR H 267 14.34 1.58 -29.21
C TYR H 267 14.12 2.74 -30.14
N THR H 268 13.55 3.81 -29.59
CA THR H 268 13.48 5.08 -30.30
C THR H 268 14.87 5.70 -30.31
N ASP H 269 15.07 6.66 -31.21
CA ASP H 269 16.34 7.39 -31.28
C ASP H 269 16.62 8.09 -29.97
N SER H 270 15.58 8.67 -29.36
CA SER H 270 15.72 9.34 -28.06
C SER H 270 16.19 8.37 -26.97
N GLU H 271 15.57 7.20 -26.93
CA GLU H 271 15.94 6.14 -25.99
C GLU H 271 17.37 5.69 -26.22
N LYS H 272 17.74 5.52 -27.49
CA LYS H 272 19.11 5.11 -27.77
C LYS H 272 20.14 6.12 -27.34
N GLU H 273 19.90 7.42 -27.55
CA GLU H 273 20.90 8.38 -27.07
C GLU H 273 21.00 8.36 -25.58
N GLU H 274 19.86 8.15 -24.91
CA GLU H 274 19.85 8.08 -23.46
C GLU H 274 20.58 6.86 -22.92
N ILE H 275 20.43 5.72 -23.60
CA ILE H 275 21.09 4.47 -23.21
C ILE H 275 22.57 4.54 -23.53
N GLN H 276 22.91 5.06 -24.70
CA GLN H 276 24.33 5.28 -25.03
C GLN H 276 24.98 6.18 -24.00
N GLN H 277 24.29 7.25 -23.62
CA GLN H 277 24.80 8.20 -22.63
C GLN H 277 24.94 7.51 -21.26
N SER H 278 23.95 6.66 -20.95
CA SER H 278 24.03 5.79 -19.77
C SER H 278 25.30 4.95 -19.74
N ILE H 279 25.62 4.31 -20.86
CA ILE H 279 26.75 3.39 -20.90
C ILE H 279 28.07 4.16 -20.84
N LEU H 280 28.16 5.24 -21.62
CA LEU H 280 29.39 6.06 -21.62
C LEU H 280 29.65 6.70 -20.25
N LYS H 281 28.59 7.04 -19.52
CA LYS H 281 28.66 7.60 -18.17
C LYS H 281 29.28 6.58 -17.22
N GLN H 282 28.88 5.32 -17.38
CA GLN H 282 29.44 4.21 -16.60
C GLN H 282 30.89 3.89 -16.97
N ILE H 283 31.19 3.87 -18.27
CA ILE H 283 32.59 3.75 -18.74
C ILE H 283 33.44 4.85 -18.10
N GLU H 284 32.87 6.06 -18.00
CA GLU H 284 33.57 7.20 -17.38
C GLU H 284 33.98 6.88 -15.96
N LYS H 285 33.01 6.42 -15.18
CA LYS H 285 33.22 6.08 -13.79
C LYS H 285 34.25 4.97 -13.65
N TYR H 286 34.18 3.99 -14.54
CA TYR H 286 35.03 2.80 -14.44
C TYR H 286 36.24 2.81 -15.36
N SER H 287 36.66 4.00 -15.76
CA SER H 287 37.75 4.22 -16.71
C SER H 287 39.04 3.43 -16.44
N ASP H 288 39.34 3.23 -15.16
CA ASP H 288 40.61 2.62 -14.74
C ASP H 288 40.56 1.10 -14.68
N PHE H 289 39.39 0.53 -15.00
CA PHE H 289 39.15 -0.91 -14.86
C PHE H 289 38.83 -1.58 -16.21
N PRO H 290 39.88 -2.08 -16.88
CA PRO H 290 39.79 -2.66 -18.25
C PRO H 290 38.70 -3.73 -18.48
N TYR H 291 38.52 -4.68 -17.56
CA TYR H 291 37.50 -5.71 -17.71
C TYR H 291 36.11 -5.09 -17.73
N VAL H 292 35.93 -4.06 -16.91
CA VAL H 292 34.61 -3.40 -16.81
C VAL H 292 34.36 -2.54 -18.04
N VAL H 293 35.35 -1.75 -18.41
CA VAL H 293 35.27 -0.96 -19.64
C VAL H 293 34.93 -1.89 -20.82
N ASN H 294 35.61 -3.04 -20.88
CA ASN H 294 35.32 -3.99 -21.96
C ASN H 294 33.89 -4.50 -21.98
N TYR H 295 33.35 -4.78 -20.80
CA TYR H 295 31.97 -5.20 -20.66
C TYR H 295 31.01 -4.15 -21.25
N TYR H 296 31.26 -2.88 -20.91
CA TYR H 296 30.39 -1.82 -21.37
C TYR H 296 30.54 -1.55 -22.85
N ARG H 297 31.76 -1.64 -23.34
CA ARG H 297 31.90 -1.48 -24.80
C ARG H 297 31.27 -2.66 -25.57
N ASN H 298 31.29 -3.87 -25.02
CA ASN H 298 30.53 -5.01 -25.59
C ASN H 298 29.04 -4.74 -25.71
N ARG H 299 28.48 -4.06 -24.71
CA ARG H 299 27.08 -3.67 -24.74
C ARG H 299 26.84 -2.59 -25.77
N LEU H 300 27.79 -1.66 -25.86
CA LEU H 300 27.69 -0.52 -26.76
C LEU H 300 27.64 -0.98 -28.20
N SER H 301 28.42 -2.02 -28.51
CA SER H 301 28.43 -2.62 -29.84
C SER H 301 27.12 -3.34 -30.14
N ALA H 302 26.54 -3.98 -29.12
CA ALA H 302 25.24 -4.64 -29.22
C ALA H 302 24.04 -3.68 -29.14
N LEU H 303 24.33 -2.39 -29.13
CA LEU H 303 23.29 -1.34 -29.14
C LEU H 303 23.32 -0.55 -30.45
N PHE H 304 24.47 -0.55 -31.11
CA PHE H 304 24.63 0.15 -32.37
C PHE H 304 25.28 -0.76 -33.41
#